data_8IJ5
#
_entry.id   8IJ5
#
_cell.length_a   1.00
_cell.length_b   1.00
_cell.length_c   1.00
_cell.angle_alpha   90.00
_cell.angle_beta   90.00
_cell.angle_gamma   90.00
#
_symmetry.space_group_name_H-M   'P 1'
#
loop_
_entity.id
_entity.type
_entity.pdbx_description
1 polymer 'Integrin beta-3'
2 polymer 'Integrin alpha-V heavy chain'
#
loop_
_entity_poly.entity_id
_entity_poly.type
_entity_poly.pdbx_seq_one_letter_code
_entity_poly.pdbx_strand_id
1 'polypeptide(L)'
;CTTRGVSSCQQCLAVSPMCAWCSDEALPLGSPRCDLKENLLKDNCAPESIEFPVSEARVLEDRPLSDKGSGDSSQVTQVS
PQRIALRLRPDDSKNFSIQVRQVEDYPVDIYYLMDLSYSMKDDLWSIQNLGTKLATQMRKLTSNLRIGFGAFVDKPVSPY
MYISPPEALENPCYDMKTTCLPMFGYKHVLTLTDQVTRFNEEVKKQSVSRNRDAPEGGFDAIMQATVCDEKIGWRNDASH
LLVFTTDAKTHIALDGRLAGIVQPNDGQCHVGSDNHYSASTTMDYPSLGLMTEKLSQKNINLIFAVTENVVNLYQNYSEL
IPGTTVGVLSMDSSNVLQLIVDAYGKIRSKVELEVRDLPEELSLSFNATCLNNEVIPGLKSCMGLKIGDTVSFSIEAKVR
GCPQEKEKSFTIKPVGFKDSLIVQVTFDCDCACQAQAEPNSHRCNNGNGTFECGVCRCGPGWLGSQC
;
B
2 'polypeptide(L)'
;FNLDVDSPAEYSGPEGSYFGFAVDFFVPSASSRMFLLVGAPKANTTQPGIVEGGQVLKCDWSSTRRCQPIEFDATGNRDY
AKDDPLEFKSHQWFGASVRSKQDKILACAPLYHWRTEMKQEREPVGTCFLQDGTKTVEYAPCRSQDIDADGQGFCQGGFS
IDFTKADRVLLGGPGSFYWQGQLISDQVAEIVSKYDPNVYSIKYNNQLATRTAQAIFDDSYLGYSVAVGDFNGDGIDDFV
SGVPRAARTLGMVYIYDGKNMSSLYNFTGEQMAAYFGFSVAATDINGDDYADVFIGAPLFMDRGSDGKLQEVGQVSVSLQ
RASGDFQTTKLNGFEVFARFGSAIAPLGDLDQDGFNDIAIAAPYGGEDKKGIVYIFNGRSTGLNAVPSQILEGQWAARSM
PPSFGYSMKGATDIDKNGYPDLIVGAFGVDRAILYRARPVITVNAGLEVYPSILNQDNKTCSLPGTALKVSCFNVRFCLK
ADGKGVLPRKLNFQVELLLDKLKQKGAIRRALFLYSRSPSHSKNMTISRGGLMQCEELIAYLRDESEFRDKLTPITIFME
YRLDYRTAADTTGLQPILNQFTPANISRQAHIL
;
E
#
# COMPACT_ATOMS: atom_id res chain seq x y z
N GLU A 56 39.28 -4.23 21.29
CA GLU A 56 39.13 -3.82 22.68
C GLU A 56 37.83 -3.04 22.88
N ALA A 57 37.53 -2.70 24.14
CA ALA A 57 36.32 -1.96 24.49
C ALA A 57 36.66 -1.04 25.66
N ARG A 58 37.02 0.21 25.34
CA ARG A 58 37.28 1.21 26.37
C ARG A 58 35.97 1.84 26.82
N VAL A 59 35.76 1.90 28.13
CA VAL A 59 34.50 2.42 28.66
C VAL A 59 34.34 3.89 28.30
N LEU A 60 35.36 4.70 28.60
CA LEU A 60 35.50 6.07 28.11
C LEU A 60 34.47 7.01 28.70
N GLU A 61 33.45 6.45 29.37
CA GLU A 61 32.39 7.24 29.99
C GLU A 61 31.52 6.34 30.85
N ASP A 62 31.30 6.73 32.11
CA ASP A 62 30.48 5.92 33.01
C ASP A 62 30.05 6.79 34.18
N ARG A 63 28.74 6.89 34.40
CA ARG A 63 28.18 7.59 35.54
C ARG A 63 27.24 6.66 36.28
N PRO A 64 27.12 6.82 37.60
CA PRO A 64 26.33 5.85 38.37
C PRO A 64 24.86 5.90 38.03
N LEU A 65 24.20 4.75 38.17
CA LEU A 65 22.76 4.67 37.95
C LEU A 65 22.04 5.51 39.00
N SER A 66 21.32 6.52 38.54
CA SER A 66 20.74 7.50 39.44
C SER A 66 19.73 6.85 40.39
N ASP A 67 19.63 7.40 41.59
CA ASP A 67 18.80 6.80 42.63
C ASP A 67 17.32 7.06 42.40
N LYS A 68 16.92 8.33 42.38
CA LYS A 68 15.52 8.70 42.24
C LYS A 68 15.37 9.78 41.18
N GLY A 69 14.20 9.81 40.54
CA GLY A 69 13.92 10.78 39.51
C GLY A 69 13.65 12.17 40.06
N THR A 77 20.01 9.46 34.66
CA THR A 77 20.86 8.40 34.11
C THR A 77 20.24 7.04 34.40
N GLN A 78 20.04 6.25 33.36
CA GLN A 78 19.49 4.91 33.47
C GLN A 78 20.40 3.81 32.96
N VAL A 79 21.14 4.05 31.87
CA VAL A 79 22.08 3.07 31.33
C VAL A 79 23.48 3.44 31.80
N SER A 80 24.23 2.44 32.30
CA SER A 80 25.48 2.75 32.99
C SER A 80 26.56 3.22 32.02
N PRO A 81 26.97 2.44 31.01
CA PRO A 81 28.04 2.92 30.11
C PRO A 81 27.43 3.77 29.00
N GLN A 82 27.99 4.97 28.80
CA GLN A 82 27.42 5.94 27.87
C GLN A 82 28.07 5.89 26.50
N ARG A 83 29.41 5.87 26.43
CA ARG A 83 30.12 5.92 25.15
C ARG A 83 31.30 4.95 25.19
N ILE A 84 31.06 3.72 24.77
CA ILE A 84 32.14 2.73 24.67
C ILE A 84 32.92 3.00 23.38
N ALA A 85 34.11 2.40 23.25
CA ALA A 85 35.08 2.77 22.23
C ALA A 85 35.59 1.53 21.48
N LEU A 86 34.66 0.73 20.95
CA LEU A 86 35.00 -0.50 20.25
C LEU A 86 36.11 -0.30 19.24
N ARG A 87 36.97 -1.32 19.11
CA ARG A 87 38.06 -1.33 18.13
C ARG A 87 38.31 -2.78 17.77
N LEU A 88 37.95 -3.16 16.55
CA LEU A 88 37.93 -4.56 16.14
C LEU A 88 38.96 -4.83 15.05
N ARG A 89 39.78 -5.85 15.26
CA ARG A 89 40.51 -6.46 14.17
C ARG A 89 39.55 -7.28 13.32
N PRO A 90 39.75 -7.35 12.00
CA PRO A 90 38.79 -8.07 11.15
C PRO A 90 38.65 -9.53 11.57
N ASP A 91 37.40 -10.01 11.47
CA ASP A 91 37.04 -11.38 11.85
C ASP A 91 37.35 -11.65 13.33
N ASP A 92 36.66 -10.91 14.20
CA ASP A 92 36.79 -11.11 15.64
C ASP A 92 35.58 -10.52 16.34
N SER A 93 35.48 -10.79 17.63
CA SER A 93 34.34 -10.33 18.43
C SER A 93 34.75 -10.24 19.90
N LYS A 94 34.24 -9.21 20.57
CA LYS A 94 34.45 -9.01 22.01
C LYS A 94 33.11 -8.79 22.69
N ASN A 95 33.14 -8.57 23.99
CA ASN A 95 31.93 -8.49 24.81
C ASN A 95 31.73 -7.08 25.37
N PHE A 96 30.48 -6.65 25.40
CA PHE A 96 30.07 -5.35 25.91
C PHE A 96 29.57 -5.46 27.35
N SER A 97 28.96 -4.38 27.84
CA SER A 97 28.32 -4.33 29.14
C SER A 97 27.22 -3.29 29.11
N ILE A 98 26.14 -3.55 29.85
CA ILE A 98 25.02 -2.63 29.96
C ILE A 98 24.34 -2.86 31.30
N GLN A 99 23.65 -1.83 31.80
CA GLN A 99 23.00 -1.89 33.10
C GLN A 99 21.82 -0.92 33.08
N VAL A 100 20.62 -1.45 32.93
CA VAL A 100 19.41 -0.63 32.92
C VAL A 100 19.00 -0.32 34.35
N ARG A 101 18.35 0.83 34.54
CA ARG A 101 17.89 1.26 35.85
C ARG A 101 16.59 2.02 35.65
N GLN A 102 15.46 1.36 35.91
CA GLN A 102 14.17 2.04 35.85
C GLN A 102 14.05 2.97 37.06
N VAL A 103 14.36 4.26 36.87
CA VAL A 103 14.43 5.19 37.98
C VAL A 103 13.03 5.41 38.55
N GLU A 104 12.92 5.30 39.87
CA GLU A 104 11.67 5.59 40.54
C GLU A 104 11.35 7.08 40.48
N ASP A 105 10.05 7.39 40.53
CA ASP A 105 9.57 8.78 40.61
C ASP A 105 10.07 9.62 39.43
N TYR A 106 10.15 8.99 38.27
CA TYR A 106 10.53 9.68 37.04
C TYR A 106 9.36 10.52 36.52
N PRO A 107 9.62 11.68 35.92
CA PRO A 107 8.52 12.51 35.41
C PRO A 107 7.69 11.78 34.37
N VAL A 108 6.37 12.06 34.39
CA VAL A 108 5.39 11.38 33.55
C VAL A 108 4.58 12.43 32.81
N ASP A 109 4.33 12.19 31.52
CA ASP A 109 3.42 13.01 30.74
C ASP A 109 2.38 12.10 30.08
N ILE A 110 1.11 12.43 30.26
CA ILE A 110 0.00 11.64 29.73
C ILE A 110 -0.79 12.52 28.78
N TYR A 111 -0.83 12.12 27.51
CA TYR A 111 -1.61 12.81 26.49
C TYR A 111 -2.87 12.00 26.23
N TYR A 112 -4.01 12.51 26.70
CA TYR A 112 -5.27 11.79 26.63
C TYR A 112 -5.90 12.02 25.26
N LEU A 113 -5.64 11.10 24.33
CA LEU A 113 -6.17 11.17 22.97
C LEU A 113 -7.52 10.46 22.95
N MET A 114 -8.59 11.25 22.99
CA MET A 114 -9.93 10.71 23.11
C MET A 114 -10.66 10.76 21.76
N ASP A 115 -11.65 9.89 21.62
CA ASP A 115 -12.46 9.80 20.41
C ASP A 115 -13.89 10.17 20.78
N LEU A 116 -14.38 11.28 20.23
CA LEU A 116 -15.76 11.68 20.45
C LEU A 116 -16.61 11.42 19.21
N TYR A 118 -19.75 10.05 18.81
CA TYR A 118 -21.09 10.25 19.37
C TYR A 118 -21.39 9.20 20.42
N SER A 119 -20.93 7.97 20.19
CA SER A 119 -21.11 6.92 21.18
C SER A 119 -20.25 7.13 22.41
N MET A 120 -19.34 8.11 22.39
CA MET A 120 -18.49 8.42 23.52
C MET A 120 -18.87 9.72 24.19
N LYS A 121 -20.13 10.14 24.07
CA LYS A 121 -20.58 11.37 24.74
C LYS A 121 -20.73 11.15 26.24
N ASP A 122 -21.08 9.94 26.66
CA ASP A 122 -21.16 9.66 28.09
C ASP A 122 -19.77 9.58 28.71
N ASP A 123 -18.76 9.21 27.92
CA ASP A 123 -17.39 9.21 28.42
C ASP A 123 -16.93 10.62 28.78
N LEU A 124 -17.32 11.60 27.98
CA LEU A 124 -16.96 12.99 28.28
C LEU A 124 -17.49 13.41 29.64
N TRP A 125 -18.71 13.02 29.97
CA TRP A 125 -19.29 13.38 31.26
C TRP A 125 -18.67 12.57 32.39
N SER A 126 -18.26 11.33 32.12
CA SER A 126 -17.71 10.47 33.17
C SER A 126 -16.24 10.73 33.45
N ILE A 127 -15.55 11.44 32.57
CA ILE A 127 -14.17 11.85 32.80
C ILE A 127 -14.09 13.36 33.08
N GLN A 128 -15.20 13.96 33.48
CA GLN A 128 -15.24 15.40 33.72
C GLN A 128 -14.18 15.83 34.72
N ASN A 129 -14.11 15.14 35.86
CA ASN A 129 -13.07 15.35 36.85
C ASN A 129 -12.11 14.16 36.75
N LEU A 130 -11.15 14.26 35.85
CA LEU A 130 -10.13 13.24 35.66
C LEU A 130 -8.74 13.72 36.02
N GLY A 131 -8.42 14.98 35.73
CA GLY A 131 -7.10 15.50 36.06
C GLY A 131 -6.82 15.50 37.55
N THR A 132 -7.82 15.88 38.35
CA THR A 132 -7.65 15.85 39.80
C THR A 132 -7.52 14.41 40.31
N LYS A 133 -8.37 13.51 39.83
CA LYS A 133 -8.25 12.11 40.22
C LYS A 133 -6.97 11.49 39.68
N LEU A 134 -6.49 11.95 38.52
CA LEU A 134 -5.18 11.53 38.03
C LEU A 134 -4.09 11.97 39.02
N ALA A 135 -4.10 13.24 39.41
CA ALA A 135 -3.05 13.76 40.27
C ALA A 135 -3.06 13.08 41.63
N THR A 136 -4.25 12.83 42.20
CA THR A 136 -4.32 12.23 43.53
C THR A 136 -3.79 10.80 43.53
N GLN A 137 -3.87 10.10 42.39
CA GLN A 137 -3.43 8.71 42.31
C GLN A 137 -2.23 8.52 41.40
N MET A 138 -1.60 9.60 40.92
CA MET A 138 -0.36 9.50 40.17
C MET A 138 0.82 10.16 40.86
N ARG A 139 0.60 11.16 41.71
CA ARG A 139 1.70 11.76 42.45
C ARG A 139 2.21 10.84 43.55
N LYS A 140 1.52 9.74 43.83
CA LYS A 140 2.01 8.74 44.77
C LYS A 140 3.13 7.88 44.17
N LEU A 141 3.37 7.99 42.86
CA LEU A 141 4.46 7.27 42.22
C LEU A 141 5.36 8.18 41.38
N THR A 142 5.07 9.47 41.33
CA THR A 142 5.89 10.42 40.57
C THR A 142 5.72 11.80 41.19
N SER A 143 6.62 12.70 40.82
CA SER A 143 6.57 14.06 41.32
C SER A 143 6.41 15.10 40.23
N ASN A 144 6.49 14.71 38.95
CA ASN A 144 6.31 15.62 37.83
C ASN A 144 5.33 14.97 36.85
N LEU A 145 4.07 15.37 36.94
CA LEU A 145 3.00 14.83 36.11
C LEU A 145 2.42 15.94 35.25
N ARG A 146 2.24 15.65 33.97
CA ARG A 146 1.65 16.59 33.01
C ARG A 146 0.55 15.88 32.24
N ILE A 147 -0.54 16.60 31.98
CA ILE A 147 -1.71 16.04 31.30
C ILE A 147 -1.99 16.85 30.04
N GLY A 148 -2.34 16.15 28.97
CA GLY A 148 -2.75 16.79 27.74
C GLY A 148 -3.99 16.12 27.18
N PHE A 149 -4.67 16.84 26.29
CA PHE A 149 -5.92 16.36 25.71
C PHE A 149 -5.96 16.61 24.21
N GLY A 150 -6.37 15.59 23.48
CA GLY A 150 -6.57 15.71 22.04
C GLY A 150 -7.72 14.82 21.62
N ALA A 151 -8.35 15.19 20.50
CA ALA A 151 -9.56 14.52 20.06
C ALA A 151 -9.50 14.25 18.56
N PHE A 152 -10.28 13.25 18.13
CA PHE A 152 -10.37 12.87 16.73
C PHE A 152 -11.71 12.19 16.48
N VAL A 153 -12.21 12.34 15.25
CA VAL A 153 -13.37 11.56 14.82
C VAL A 153 -13.02 10.80 13.56
N ASP A 154 -12.77 11.52 12.47
CA ASP A 154 -12.45 10.95 11.17
C ASP A 154 -12.20 12.10 10.21
N LYS A 155 -11.68 11.78 9.03
CA LYS A 155 -11.41 12.81 8.04
C LYS A 155 -12.70 13.45 7.56
N PRO A 156 -12.79 14.78 7.52
CA PRO A 156 -14.00 15.45 7.01
C PRO A 156 -14.07 15.45 5.48
N VAL A 157 -14.08 14.24 4.91
CA VAL A 157 -14.11 14.08 3.46
C VAL A 157 -15.34 13.25 3.11
N SER A 158 -15.56 13.01 1.81
CA SER A 158 -16.87 12.60 1.29
C SER A 158 -17.39 11.30 1.90
N PRO A 159 -16.76 10.12 1.67
CA PRO A 159 -17.45 8.88 2.06
C PRO A 159 -17.22 8.53 3.53
N TYR A 160 -17.25 9.54 4.39
CA TYR A 160 -17.19 9.33 5.84
C TYR A 160 -18.11 10.24 6.62
N MET A 161 -18.64 11.31 6.03
CA MET A 161 -19.34 12.35 6.77
C MET A 161 -20.69 12.64 6.12
N TYR A 162 -21.61 13.13 6.93
CA TYR A 162 -22.96 13.44 6.48
C TYR A 162 -22.95 14.80 5.77
N ILE A 163 -22.85 14.77 4.45
CA ILE A 163 -22.97 15.97 3.63
C ILE A 163 -24.28 16.00 2.85
N SER A 164 -25.19 15.05 3.11
CA SER A 164 -26.39 14.95 2.28
C SER A 164 -27.36 16.09 2.54
N PRO A 165 -27.86 16.31 3.77
CA PRO A 165 -28.70 17.48 4.00
C PRO A 165 -27.86 18.75 3.97
N PRO A 166 -28.43 19.85 3.48
CA PRO A 166 -27.66 21.11 3.44
C PRO A 166 -27.28 21.65 4.81
N GLU A 167 -27.93 21.19 5.88
CA GLU A 167 -27.63 21.64 7.23
C GLU A 167 -26.84 20.62 8.03
N ALA A 168 -26.37 19.54 7.41
CA ALA A 168 -25.61 18.53 8.14
C ALA A 168 -24.13 18.83 8.21
N LEU A 169 -23.64 19.76 7.38
CA LEU A 169 -22.24 20.18 7.50
C LEU A 169 -22.00 20.89 8.83
N GLU A 170 -22.94 21.72 9.26
CA GLU A 170 -22.84 22.42 10.53
C GLU A 170 -23.34 21.58 11.69
N ASN A 171 -24.40 20.80 11.48
CA ASN A 171 -25.00 19.96 12.52
C ASN A 171 -25.16 18.55 11.97
N PRO A 172 -24.14 17.71 12.11
CA PRO A 172 -24.24 16.34 11.58
C PRO A 172 -25.32 15.50 12.23
N CYS A 173 -25.74 15.85 13.45
CA CYS A 173 -26.76 15.10 14.17
C CYS A 173 -28.16 15.66 13.97
N TYR A 174 -28.43 16.25 12.80
CA TYR A 174 -29.75 16.76 12.49
C TYR A 174 -30.61 15.61 11.96
N ASP A 175 -30.60 14.48 12.68
CA ASP A 175 -31.44 13.34 12.34
C ASP A 175 -32.12 12.84 13.62
N MET A 176 -31.42 12.97 14.74
CA MET A 176 -31.93 12.50 16.03
C MET A 176 -32.50 13.64 16.86
N LYS A 177 -32.51 14.86 16.30
CA LYS A 177 -32.99 16.07 16.98
C LYS A 177 -32.11 16.40 18.19
N THR A 178 -30.83 16.66 17.89
CA THR A 178 -29.88 17.12 18.89
C THR A 178 -28.86 18.03 18.20
N THR A 179 -27.80 18.36 18.92
CA THR A 179 -26.73 19.20 18.40
C THR A 179 -25.40 18.46 18.47
N CYS A 180 -24.55 18.68 17.48
CA CYS A 180 -23.24 18.04 17.44
C CYS A 180 -22.25 19.00 16.78
N LEU A 181 -20.97 18.75 17.03
CA LEU A 181 -19.92 19.47 16.35
C LEU A 181 -19.76 18.95 14.92
N PRO A 182 -19.40 19.82 13.98
CA PRO A 182 -18.99 19.33 12.65
C PRO A 182 -17.78 18.41 12.78
N MET A 183 -17.74 17.40 11.93
CA MET A 183 -16.69 16.40 12.02
C MET A 183 -15.33 17.00 11.71
N PHE A 184 -14.33 16.62 12.50
CA PHE A 184 -12.96 17.08 12.35
C PHE A 184 -12.03 15.88 12.30
N GLY A 185 -10.89 16.05 11.66
CA GLY A 185 -9.93 14.97 11.56
C GLY A 185 -9.19 14.72 12.86
N TYR A 186 -8.39 15.68 13.29
CA TYR A 186 -7.66 15.61 14.54
C TYR A 186 -7.63 16.98 15.19
N LYS A 187 -7.87 17.02 16.50
CA LYS A 187 -7.89 18.26 17.25
C LYS A 187 -6.95 18.14 18.43
N HIS A 188 -5.96 19.04 18.50
CA HIS A 188 -5.13 19.20 19.69
C HIS A 188 -5.77 20.24 20.58
N VAL A 189 -6.17 19.85 21.78
CA VAL A 189 -6.93 20.73 22.65
C VAL A 189 -6.04 21.37 23.70
N LEU A 190 -5.38 20.55 24.51
CA LEU A 190 -4.60 21.01 25.64
C LEU A 190 -3.18 20.48 25.55
N THR A 191 -2.21 21.40 25.58
CA THR A 191 -0.81 21.03 25.65
C THR A 191 -0.51 20.40 27.01
N LEU A 192 0.61 19.70 27.09
CA LEU A 192 1.01 19.06 28.33
C LEU A 192 1.35 20.13 29.36
N THR A 193 0.46 20.32 30.34
CA THR A 193 0.65 21.28 31.42
C THR A 193 0.68 20.58 32.76
N ASP A 194 1.39 21.17 33.71
CA ASP A 194 1.42 20.65 35.07
C ASP A 194 0.16 21.00 35.85
N GLN A 195 -0.65 21.92 35.33
CA GLN A 195 -1.90 22.31 35.99
C GLN A 195 -3.00 21.31 35.65
N VAL A 196 -3.40 20.50 36.63
CA VAL A 196 -4.40 19.47 36.38
C VAL A 196 -5.81 20.04 36.28
N THR A 197 -6.05 21.26 36.76
CA THR A 197 -7.39 21.84 36.67
C THR A 197 -7.69 22.30 35.24
N ARG A 198 -6.68 22.64 34.47
CA ARG A 198 -6.91 23.04 33.08
C ARG A 198 -7.45 21.88 32.27
N PHE A 199 -7.02 20.66 32.57
CA PHE A 199 -7.62 19.48 31.95
C PHE A 199 -9.13 19.44 32.21
N ASN A 200 -9.52 19.66 33.47
CA ASN A 200 -10.94 19.64 33.81
C ASN A 200 -11.71 20.73 33.09
N GLU A 201 -11.18 21.96 33.09
CA GLU A 201 -11.93 23.07 32.50
C GLU A 201 -11.92 23.04 30.98
N GLU A 202 -10.98 22.34 30.36
CA GLU A 202 -10.99 22.18 28.92
C GLU A 202 -11.78 20.97 28.45
N VAL A 203 -11.93 19.95 29.31
CA VAL A 203 -12.72 18.79 28.93
C VAL A 203 -14.22 19.02 29.10
N LYS A 204 -14.62 20.05 29.86
CA LYS A 204 -16.03 20.41 29.94
C LYS A 204 -16.52 21.05 28.66
N LYS A 205 -15.63 21.71 27.92
CA LYS A 205 -15.99 22.42 26.69
C LYS A 205 -15.90 21.52 25.46
N GLN A 206 -16.03 20.21 25.63
CA GLN A 206 -15.93 19.26 24.54
C GLN A 206 -17.29 18.64 24.26
N SER A 207 -17.65 18.57 22.99
CA SER A 207 -18.85 17.88 22.54
C SER A 207 -18.43 16.82 21.52
N VAL A 208 -19.43 16.17 20.90
CA VAL A 208 -19.19 15.02 20.05
C VAL A 208 -19.69 15.30 18.64
N SER A 209 -19.17 14.51 17.71
CA SER A 209 -19.57 14.56 16.31
C SER A 209 -20.06 13.17 15.88
N ARG A 210 -20.34 13.01 14.59
CA ARG A 210 -20.88 11.76 14.07
C ARG A 210 -20.25 11.43 12.73
N ASN A 211 -19.93 10.15 12.53
CA ASN A 211 -19.37 9.65 11.28
C ASN A 211 -20.24 8.51 10.78
N ARG A 212 -20.36 8.42 9.45
CA ARG A 212 -21.23 7.39 8.87
C ARG A 212 -20.64 6.00 9.02
N ASP A 213 -19.36 5.84 8.71
CA ASP A 213 -18.71 4.54 8.77
C ASP A 213 -18.41 4.16 10.21
N ALA A 214 -18.12 2.87 10.41
CA ALA A 214 -17.75 2.37 11.72
C ALA A 214 -16.29 2.67 12.05
N PRO A 215 -15.33 2.38 11.18
CA PRO A 215 -13.93 2.73 11.50
C PRO A 215 -13.73 4.23 11.51
N GLU A 216 -12.66 4.65 12.21
CA GLU A 216 -12.40 6.06 12.41
C GLU A 216 -10.96 6.43 12.11
N GLY A 217 -10.60 7.69 12.40
CA GLY A 217 -9.28 8.20 12.08
C GLY A 217 -8.32 8.20 13.25
N GLY A 218 -8.32 7.11 14.02
CA GLY A 218 -7.50 7.06 15.22
C GLY A 218 -6.01 7.12 14.93
N PHE A 219 -5.56 6.43 13.87
CA PHE A 219 -4.13 6.36 13.60
C PHE A 219 -3.59 7.71 13.13
N ASP A 220 -4.40 8.51 12.45
CA ASP A 220 -3.99 9.88 12.12
C ASP A 220 -3.71 10.67 13.39
N ALA A 221 -4.59 10.54 14.39
CA ALA A 221 -4.40 11.26 15.64
C ALA A 221 -3.14 10.80 16.36
N ILE A 222 -2.92 9.49 16.43
CA ILE A 222 -1.73 8.97 17.09
C ILE A 222 -0.47 9.47 16.37
N MET A 223 -0.48 9.40 15.05
CA MET A 223 0.67 9.85 14.27
C MET A 223 0.97 11.32 14.54
N GLN A 224 -0.05 12.17 14.43
CA GLN A 224 0.17 13.60 14.59
C GLN A 224 0.58 13.95 16.01
N ALA A 225 0.04 13.25 17.00
CA ALA A 225 0.48 13.46 18.38
C ALA A 225 1.94 13.06 18.54
N THR A 226 2.35 11.98 17.90
CA THR A 226 3.73 11.52 18.03
C THR A 226 4.71 12.50 17.38
N VAL A 227 4.41 12.96 16.18
CA VAL A 227 5.40 13.74 15.43
C VAL A 227 5.37 15.21 15.80
N CYS A 228 4.20 15.80 16.02
CA CYS A 228 4.13 17.15 16.53
C CYS A 228 4.72 17.16 17.94
N ASP A 229 5.77 17.96 18.14
CA ASP A 229 6.48 17.99 19.42
C ASP A 229 6.32 19.30 20.16
N GLU A 230 6.38 20.44 19.47
CA GLU A 230 6.14 21.72 20.14
C GLU A 230 4.67 21.87 20.53
N LYS A 231 3.76 21.40 19.67
CA LYS A 231 2.34 21.51 19.96
C LYS A 231 1.94 20.63 21.15
N ILE A 232 2.46 19.40 21.19
CA ILE A 232 2.08 18.49 22.28
C ILE A 232 2.97 18.69 23.50
N GLY A 233 4.19 19.18 23.30
CA GLY A 233 5.07 19.47 24.40
C GLY A 233 5.55 18.27 25.19
N TRP A 234 5.88 17.17 24.51
CA TRP A 234 6.53 16.06 25.18
C TRP A 234 7.89 16.51 25.71
N ARG A 235 8.15 16.23 26.98
CA ARG A 235 9.43 16.63 27.56
C ARG A 235 10.56 15.77 27.03
N ASN A 236 11.72 16.38 26.85
CA ASN A 236 12.89 15.63 26.39
C ASN A 236 13.33 14.60 27.42
N ASP A 237 13.16 14.91 28.70
CA ASP A 237 13.54 14.02 29.80
C ASP A 237 12.29 13.70 30.61
N ALA A 238 11.57 12.66 30.19
CA ALA A 238 10.32 12.28 30.84
C ALA A 238 9.93 10.88 30.38
N SER A 239 8.96 10.30 31.08
CA SER A 239 8.39 9.01 30.73
C SER A 239 7.06 9.27 30.03
N HIS A 240 7.03 9.04 28.72
CA HIS A 240 5.90 9.45 27.89
C HIS A 240 4.84 8.35 27.83
N LEU A 241 3.62 8.70 28.20
CA LEU A 241 2.46 7.83 28.05
C LEU A 241 1.49 8.46 27.08
N LEU A 242 1.03 7.68 26.10
CA LEU A 242 -0.02 8.11 25.19
C LEU A 242 -1.22 7.20 25.38
N VAL A 243 -2.36 7.78 25.73
CA VAL A 243 -3.59 7.02 25.87
C VAL A 243 -4.35 7.10 24.55
N PHE A 244 -5.06 6.03 24.22
CA PHE A 244 -5.81 5.94 22.98
C PHE A 244 -7.13 5.24 23.29
N THR A 245 -8.18 6.03 23.48
CA THR A 245 -9.49 5.53 23.89
C THR A 245 -10.45 5.63 22.72
N THR A 246 -11.06 4.50 22.37
CA THR A 246 -12.03 4.45 21.27
C THR A 246 -12.91 3.23 21.48
N ASP A 247 -14.03 3.21 20.75
CA ASP A 247 -14.96 2.09 20.81
C ASP A 247 -15.29 1.56 19.42
N ALA A 248 -14.48 1.90 18.41
CA ALA A 248 -14.69 1.45 17.05
C ALA A 248 -13.36 1.00 16.45
N LYS A 249 -13.44 0.45 15.25
CA LYS A 249 -12.24 0.00 14.54
C LYS A 249 -11.53 1.22 13.95
N THR A 250 -10.49 0.98 13.16
CA THR A 250 -9.66 2.06 12.63
C THR A 250 -9.47 1.90 11.13
N HIS A 251 -9.37 3.03 10.45
CA HIS A 251 -9.08 3.06 9.02
C HIS A 251 -7.57 3.00 8.84
N ILE A 252 -7.04 1.80 8.61
CA ILE A 252 -5.62 1.59 8.45
C ILE A 252 -5.15 2.22 7.14
N ALA A 253 -3.84 2.29 6.95
CA ALA A 253 -3.30 2.89 5.74
C ALA A 253 -3.84 2.19 4.50
N LEU A 254 -3.95 2.96 3.41
CA LEU A 254 -4.50 2.60 2.10
C LEU A 254 -6.03 2.63 2.11
N ASP A 255 -6.63 3.04 3.23
CA ASP A 255 -8.11 3.21 3.27
C ASP A 255 -8.46 4.63 2.85
N GLY A 256 -7.91 5.10 1.72
CA GLY A 256 -8.12 6.49 1.36
C GLY A 256 -8.38 6.77 -0.11
N ARG A 257 -8.21 5.77 -0.98
CA ARG A 257 -8.58 5.97 -2.37
C ARG A 257 -10.09 5.84 -2.57
N LEU A 258 -10.79 5.23 -1.62
CA LEU A 258 -12.24 5.33 -1.60
C LEU A 258 -12.68 6.77 -1.39
N ALA A 259 -11.89 7.54 -0.65
CA ALA A 259 -12.11 8.96 -0.46
C ALA A 259 -11.34 9.82 -1.45
N GLY A 260 -10.60 9.21 -2.37
CA GLY A 260 -9.82 9.97 -3.33
C GLY A 260 -8.46 10.42 -2.86
N ILE A 261 -7.97 9.89 -1.74
CA ILE A 261 -6.69 10.28 -1.16
C ILE A 261 -5.69 9.16 -1.44
N VAL A 262 -4.67 9.47 -2.24
CA VAL A 262 -3.69 8.46 -2.63
C VAL A 262 -2.29 8.96 -2.37
N GLN A 263 -2.16 10.04 -1.62
CA GLN A 263 -0.86 10.59 -1.27
C GLN A 263 -0.41 9.99 0.06
N PRO A 264 0.68 9.23 0.10
CA PRO A 264 1.05 8.54 1.33
C PRO A 264 1.46 9.50 2.43
N ASN A 265 1.26 9.04 3.67
CA ASN A 265 1.69 9.82 4.83
C ASN A 265 3.20 9.99 4.83
N ASP A 266 3.66 11.22 5.09
CA ASP A 266 5.08 11.53 5.08
C ASP A 266 5.72 11.45 6.46
N GLY A 267 4.93 11.65 7.51
CA GLY A 267 5.44 11.71 8.86
C GLY A 267 5.59 13.12 9.41
N GLN A 268 5.64 14.13 8.55
CA GLN A 268 5.70 15.51 9.01
C GLN A 268 4.39 15.87 9.71
N CYS A 269 4.50 16.75 10.71
CA CYS A 269 3.35 17.12 11.52
C CYS A 269 2.77 18.42 11.01
N HIS A 270 1.45 18.42 10.77
CA HIS A 270 0.78 19.52 10.08
C HIS A 270 -0.26 20.21 10.94
N VAL A 271 -0.22 20.04 12.26
CA VAL A 271 -1.14 20.75 13.14
C VAL A 271 -0.70 22.20 13.24
N GLY A 272 -1.38 23.08 12.49
CA GLY A 272 -1.05 24.49 12.49
C GLY A 272 -1.53 25.19 13.74
N SER A 273 -1.51 26.52 13.69
CA SER A 273 -1.93 27.33 14.83
C SER A 273 -3.43 27.22 15.10
N ASP A 274 -4.20 26.66 14.18
CA ASP A 274 -5.63 26.44 14.38
C ASP A 274 -5.92 25.14 15.11
N ASN A 275 -4.89 24.38 15.49
CA ASN A 275 -5.00 23.17 16.30
C ASN A 275 -5.77 22.05 15.62
N HIS A 276 -5.80 22.04 14.29
CA HIS A 276 -6.41 20.96 13.53
C HIS A 276 -5.37 20.37 12.57
N TYR A 277 -5.51 19.07 12.31
CA TYR A 277 -4.63 18.38 11.35
C TYR A 277 -4.98 18.88 9.96
N SER A 278 -4.15 19.78 9.42
CA SER A 278 -4.49 20.48 8.19
C SER A 278 -4.41 19.61 6.95
N ALA A 279 -3.84 18.42 7.04
CA ALA A 279 -3.71 17.52 5.90
C ALA A 279 -4.63 16.30 6.03
N SER A 280 -5.82 16.51 6.59
CA SER A 280 -6.76 15.40 6.73
C SER A 280 -7.33 14.99 5.38
N THR A 281 -7.71 15.97 4.56
CA THR A 281 -8.28 15.70 3.25
C THR A 281 -7.23 15.73 2.14
N THR A 282 -5.96 15.56 2.49
CA THR A 282 -4.88 15.64 1.50
C THR A 282 -3.93 14.45 1.61
N MET A 283 -3.84 13.85 2.79
CA MET A 283 -2.90 12.77 3.03
C MET A 283 -3.62 11.56 3.61
N ASP A 284 -3.08 10.38 3.32
CA ASP A 284 -3.70 9.12 3.71
C ASP A 284 -3.34 8.78 5.15
N TYR A 285 -3.90 7.69 5.64
CA TYR A 285 -3.63 7.23 7.00
C TYR A 285 -2.21 6.67 7.10
N PRO A 286 -1.59 6.76 8.26
CA PRO A 286 -0.30 6.11 8.46
C PRO A 286 -0.44 4.60 8.60
N SER A 287 0.67 3.91 8.40
CA SER A 287 0.71 2.46 8.50
C SER A 287 1.21 2.04 9.88
N LEU A 288 1.39 0.74 10.05
CA LEU A 288 1.97 0.21 11.28
C LEU A 288 3.49 0.23 11.27
N GLY A 289 4.10 0.61 10.15
CA GLY A 289 5.55 0.74 10.09
C GLY A 289 5.99 2.18 10.29
N LEU A 290 5.29 3.11 9.63
CA LEU A 290 5.59 4.52 9.84
C LEU A 290 5.30 4.93 11.28
N MET A 291 4.20 4.43 11.85
CA MET A 291 3.91 4.71 13.25
C MET A 291 4.97 4.10 14.16
N THR A 292 5.36 2.85 13.89
CA THR A 292 6.39 2.20 14.70
C THR A 292 7.72 2.92 14.58
N GLU A 293 8.06 3.37 13.37
CA GLU A 293 9.32 4.07 13.17
C GLU A 293 9.35 5.39 13.94
N LYS A 294 8.18 6.01 14.14
CA LYS A 294 8.10 7.29 14.82
C LYS A 294 7.76 7.16 16.30
N LEU A 295 7.15 6.05 16.71
CA LEU A 295 6.90 5.82 18.13
C LEU A 295 8.15 5.43 18.89
N SER A 296 9.17 4.94 18.20
CA SER A 296 10.47 4.64 18.82
C SER A 296 11.45 5.79 18.70
N GLN A 297 11.33 6.61 17.66
CA GLN A 297 12.19 7.78 17.53
C GLN A 297 11.95 8.77 18.66
N LYS A 298 10.68 9.01 19.01
CA LYS A 298 10.32 9.95 20.06
C LYS A 298 10.04 9.28 21.40
N ASN A 299 10.23 7.96 21.50
CA ASN A 299 10.12 7.22 22.76
C ASN A 299 8.76 7.46 23.43
N ILE A 300 7.71 7.00 22.74
CA ILE A 300 6.33 7.17 23.20
C ILE A 300 5.74 5.79 23.44
N ASN A 301 5.04 5.65 24.57
CA ASN A 301 4.34 4.42 24.91
C ASN A 301 2.85 4.61 24.68
N LEU A 302 2.24 3.66 23.98
CA LEU A 302 0.85 3.75 23.57
C LEU A 302 0.02 2.72 24.33
N ILE A 303 -1.12 3.16 24.86
CA ILE A 303 -2.04 2.31 25.60
C ILE A 303 -3.38 2.31 24.87
N PHE A 304 -3.90 1.11 24.62
CA PHE A 304 -5.17 0.95 23.91
C PHE A 304 -6.29 0.79 24.94
N ALA A 305 -6.83 1.92 25.39
CA ALA A 305 -7.98 1.91 26.30
C ALA A 305 -9.25 1.73 25.48
N VAL A 306 -9.45 0.50 25.01
CA VAL A 306 -10.54 0.18 24.10
C VAL A 306 -11.61 -0.59 24.86
N THR A 307 -12.77 -0.75 24.22
CA THR A 307 -13.90 -1.42 24.83
C THR A 307 -13.74 -2.93 24.72
N GLU A 308 -14.78 -3.67 25.11
CA GLU A 308 -14.72 -5.13 25.12
C GLU A 308 -15.01 -5.74 23.75
N ASN A 309 -15.51 -4.96 22.80
CA ASN A 309 -15.76 -5.46 21.46
C ASN A 309 -14.60 -5.19 20.49
N VAL A 310 -13.61 -4.40 20.90
CA VAL A 310 -12.47 -4.08 20.07
C VAL A 310 -11.15 -4.47 20.75
N VAL A 311 -11.23 -5.12 21.92
CA VAL A 311 -10.01 -5.46 22.66
C VAL A 311 -9.18 -6.46 21.87
N ASN A 312 -9.82 -7.52 21.36
CA ASN A 312 -9.07 -8.54 20.62
C ASN A 312 -8.53 -7.98 19.32
N LEU A 313 -9.24 -7.06 18.68
CA LEU A 313 -8.73 -6.43 17.47
C LEU A 313 -7.50 -5.58 17.76
N TYR A 314 -7.58 -4.74 18.80
CA TYR A 314 -6.45 -3.87 19.12
C TYR A 314 -5.33 -4.60 19.87
N GLN A 315 -5.59 -5.79 20.41
CA GLN A 315 -4.51 -6.60 20.96
C GLN A 315 -3.58 -7.11 19.87
N ASN A 316 -4.12 -7.44 18.70
CA ASN A 316 -3.30 -7.94 17.60
C ASN A 316 -2.48 -6.84 16.94
N TYR A 317 -3.04 -5.62 16.83
CA TYR A 317 -2.21 -4.48 16.45
C TYR A 317 -1.14 -4.22 17.50
N SER A 318 -1.49 -4.40 18.78
CA SER A 318 -0.54 -4.17 19.85
C SER A 318 0.64 -5.13 19.75
N GLU A 319 0.39 -6.39 19.43
CA GLU A 319 1.49 -7.34 19.28
C GLU A 319 2.12 -7.27 17.89
N LEU A 320 2.31 -6.06 17.38
CA LEU A 320 3.11 -5.74 16.20
C LEU A 320 3.96 -4.49 16.41
N ILE A 321 3.67 -3.68 17.42
CA ILE A 321 4.40 -2.46 17.71
C ILE A 321 5.01 -2.62 19.10
N PRO A 322 6.31 -2.38 19.27
CA PRO A 322 6.91 -2.53 20.60
C PRO A 322 6.48 -1.39 21.52
N GLY A 323 6.12 -1.74 22.75
CA GLY A 323 5.78 -0.75 23.75
C GLY A 323 4.30 -0.45 23.88
N THR A 324 3.42 -1.26 23.29
CA THR A 324 1.99 -1.02 23.33
C THR A 324 1.31 -2.05 24.24
N THR A 325 0.23 -1.60 24.89
CA THR A 325 -0.64 -2.48 25.66
C THR A 325 -2.08 -2.07 25.43
N VAL A 326 -2.99 -2.88 25.96
CA VAL A 326 -4.43 -2.63 25.83
C VAL A 326 -5.04 -2.59 27.22
N GLY A 327 -6.18 -1.91 27.31
CA GLY A 327 -6.96 -1.90 28.53
C GLY A 327 -8.43 -1.98 28.20
N VAL A 328 -9.18 -2.62 29.10
CA VAL A 328 -10.62 -2.80 28.91
C VAL A 328 -11.30 -1.51 29.37
N LEU A 329 -11.54 -0.60 28.43
CA LEU A 329 -12.24 0.63 28.74
C LEU A 329 -13.73 0.36 28.86
N SER A 330 -14.33 0.79 29.97
CA SER A 330 -15.73 0.51 30.23
C SER A 330 -16.61 1.26 29.22
N MET A 331 -17.92 1.03 29.33
CA MET A 331 -18.86 1.60 28.36
C MET A 331 -18.87 3.11 28.41
N ASP A 332 -18.61 3.71 29.57
CA ASP A 332 -18.61 5.15 29.73
C ASP A 332 -17.25 5.68 30.19
N SER A 333 -16.19 4.91 29.99
CA SER A 333 -14.84 5.29 30.45
C SER A 333 -14.84 5.56 31.95
N SER A 334 -15.55 4.73 32.70
CA SER A 334 -15.71 4.90 34.13
C SER A 334 -14.59 4.26 34.95
N ASN A 335 -13.61 3.64 34.30
CA ASN A 335 -12.49 3.02 34.99
C ASN A 335 -11.17 3.35 34.29
N VAL A 336 -11.04 4.60 33.83
CA VAL A 336 -9.84 4.96 33.10
C VAL A 336 -8.68 5.25 34.05
N LEU A 337 -8.96 5.68 35.28
CA LEU A 337 -7.89 5.96 36.23
C LEU A 337 -7.12 4.70 36.58
N GLN A 338 -7.84 3.64 36.99
CA GLN A 338 -7.19 2.38 37.30
C GLN A 338 -6.54 1.77 36.06
N LEU A 339 -7.17 1.94 34.90
CA LEU A 339 -6.61 1.43 33.66
C LEU A 339 -5.25 2.06 33.39
N ILE A 340 -5.15 3.39 33.51
CA ILE A 340 -3.88 4.06 33.24
C ILE A 340 -2.85 3.72 34.30
N VAL A 341 -3.27 3.66 35.57
CA VAL A 341 -2.33 3.34 36.65
C VAL A 341 -1.75 1.95 36.46
N ASP A 342 -2.59 0.97 36.13
CA ASP A 342 -2.11 -0.37 35.84
C ASP A 342 -1.30 -0.42 34.56
N ALA A 343 -1.58 0.44 33.60
CA ALA A 343 -0.80 0.51 32.36
C ALA A 343 0.58 1.09 32.58
N TYR A 344 0.77 1.91 33.61
CA TYR A 344 2.11 2.34 34.01
C TYR A 344 2.95 1.21 34.57
N GLY A 345 2.36 0.31 35.35
CA GLY A 345 3.07 -0.85 35.85
C GLY A 345 3.19 -1.98 34.86
N LYS A 346 2.58 -1.83 33.69
CA LYS A 346 2.75 -2.78 32.59
C LYS A 346 3.61 -2.25 31.46
N ILE A 347 3.91 -0.95 31.47
CA ILE A 347 4.79 -0.34 30.48
C ILE A 347 6.22 -0.26 31.00
N ARG A 348 6.40 0.09 32.27
CA ARG A 348 7.71 0.18 32.89
C ARG A 348 8.15 -1.13 33.52
N SER A 349 7.36 -2.20 33.39
CA SER A 349 7.75 -3.51 33.87
C SER A 349 8.49 -4.33 32.82
N LYS A 350 8.60 -3.83 31.59
CA LYS A 350 9.25 -4.54 30.50
C LYS A 350 10.43 -3.70 30.01
N VAL A 351 11.61 -4.32 29.94
CA VAL A 351 12.81 -3.67 29.44
C VAL A 351 13.28 -4.45 28.22
N GLU A 352 13.35 -3.77 27.08
CA GLU A 352 13.82 -4.37 25.84
C GLU A 352 14.74 -3.37 25.15
N LEU A 353 15.71 -3.90 24.42
CA LEU A 353 16.75 -3.09 23.80
C LEU A 353 16.58 -3.07 22.30
N GLU A 354 16.79 -1.91 21.70
CA GLU A 354 16.64 -1.70 20.26
C GLU A 354 17.80 -0.88 19.74
N VAL A 355 18.14 -1.10 18.47
CA VAL A 355 19.40 -0.65 17.88
C VAL A 355 19.12 0.29 16.73
N ARG A 356 19.94 1.33 16.60
CA ARG A 356 19.93 2.23 15.46
C ARG A 356 21.28 2.22 14.76
N ASP A 357 21.24 2.40 13.43
CA ASP A 357 22.42 2.69 12.62
C ASP A 357 23.50 1.61 12.78
N LEU A 358 23.07 0.37 12.89
CA LEU A 358 24.02 -0.73 13.01
C LEU A 358 24.76 -0.92 11.69
N PRO A 359 26.09 -0.99 11.71
CA PRO A 359 26.83 -1.22 10.45
C PRO A 359 26.41 -2.53 9.80
N GLU A 360 26.35 -2.51 8.47
CA GLU A 360 25.95 -3.71 7.74
C GLU A 360 26.94 -4.85 7.94
N GLU A 361 28.20 -4.53 8.22
CA GLU A 361 29.24 -5.52 8.45
C GLU A 361 29.37 -5.89 9.92
N LEU A 362 28.31 -5.76 10.70
CA LEU A 362 28.33 -6.10 12.12
C LEU A 362 27.12 -6.94 12.47
N SER A 363 27.33 -7.96 13.30
CA SER A 363 26.27 -8.81 13.81
C SER A 363 26.46 -8.99 15.31
N LEU A 364 25.42 -8.68 16.08
CA LEU A 364 25.50 -8.70 17.54
C LEU A 364 24.49 -9.67 18.11
N SER A 365 24.92 -10.45 19.10
CA SER A 365 24.05 -11.31 19.87
C SER A 365 23.66 -10.63 21.18
N PHE A 366 22.71 -11.23 21.88
CA PHE A 366 22.07 -10.60 23.04
C PHE A 366 21.80 -11.67 24.07
N ASN A 367 22.56 -11.67 25.17
CA ASN A 367 22.40 -12.63 26.26
C ASN A 367 21.88 -11.87 27.48
N ALA A 368 20.56 -11.91 27.69
CA ALA A 368 19.96 -11.22 28.81
C ALA A 368 20.28 -11.92 30.12
N THR A 369 20.64 -11.13 31.14
CA THR A 369 20.91 -11.62 32.48
C THR A 369 20.04 -10.81 33.44
N CYS A 370 18.91 -11.38 33.83
CA CYS A 370 17.91 -10.64 34.61
C CYS A 370 17.43 -11.53 35.76
N LEU A 371 16.36 -11.10 36.41
CA LEU A 371 15.79 -11.76 37.58
C LEU A 371 16.84 -11.89 38.67
N ASN A 372 17.41 -13.09 38.84
CA ASN A 372 18.46 -13.34 39.83
C ASN A 372 19.57 -14.13 39.16
N ASN A 373 20.50 -13.40 38.54
CA ASN A 373 21.71 -13.98 37.94
C ASN A 373 21.38 -15.10 36.96
N GLU A 374 20.52 -14.77 36.00
CA GLU A 374 20.12 -15.73 34.98
C GLU A 374 21.07 -15.68 33.80
N VAL A 375 21.01 -16.73 32.97
CA VAL A 375 21.91 -16.89 31.84
C VAL A 375 21.11 -17.12 30.57
N ILE A 376 19.93 -16.52 30.48
CA ILE A 376 19.01 -16.69 29.36
C ILE A 376 19.74 -16.53 28.03
N PRO A 377 19.91 -17.60 27.26
CA PRO A 377 20.72 -17.58 26.03
C PRO A 377 19.98 -17.15 24.76
N GLY A 378 19.86 -15.84 24.57
CA GLY A 378 19.36 -15.34 23.31
C GLY A 378 18.37 -14.19 23.39
N LEU A 379 17.58 -14.14 24.46
CA LEU A 379 16.58 -13.09 24.60
C LEU A 379 17.25 -11.75 24.84
N LYS A 380 16.66 -10.69 24.30
CA LYS A 380 17.11 -9.32 24.52
C LYS A 380 16.16 -8.53 25.41
N SER A 381 15.12 -9.16 25.93
CA SER A 381 14.13 -8.49 26.77
C SER A 381 13.88 -9.34 28.01
N CYS A 382 13.51 -8.68 29.10
CA CYS A 382 13.31 -9.35 30.38
C CYS A 382 11.96 -8.97 30.97
N MET A 383 11.29 -9.96 31.55
CA MET A 383 10.00 -9.79 32.20
C MET A 383 10.11 -10.12 33.68
N GLY A 384 9.38 -9.39 34.51
CA GLY A 384 9.39 -9.64 35.93
C GLY A 384 9.84 -8.47 36.77
N LEU A 385 9.66 -7.25 36.27
CA LEU A 385 10.02 -6.04 36.98
C LEU A 385 8.78 -5.43 37.62
N LYS A 386 8.93 -4.91 38.85
CA LYS A 386 7.79 -4.35 39.56
C LYS A 386 7.69 -2.84 39.36
N ILE A 387 8.71 -2.08 39.78
CA ILE A 387 8.75 -0.63 39.59
C ILE A 387 10.05 -0.26 38.91
N GLY A 388 11.17 -0.66 39.52
CA GLY A 388 12.48 -0.40 38.95
C GLY A 388 13.53 -1.36 39.46
N ASP A 389 14.29 -1.95 38.54
CA ASP A 389 15.30 -2.93 38.89
C ASP A 389 16.54 -2.71 38.03
N THR A 390 17.67 -3.21 38.53
CA THR A 390 18.95 -3.09 37.83
C THR A 390 19.22 -4.43 37.13
N VAL A 391 19.00 -4.47 35.82
CA VAL A 391 19.23 -5.66 35.02
C VAL A 391 20.35 -5.37 34.03
N SER A 392 20.98 -6.44 33.55
CA SER A 392 22.13 -6.33 32.67
C SER A 392 22.01 -7.30 31.50
N PHE A 393 22.41 -6.85 30.32
CA PHE A 393 22.48 -7.68 29.12
C PHE A 393 23.89 -7.63 28.57
N SER A 394 24.51 -8.79 28.44
CA SER A 394 25.81 -8.87 27.79
C SER A 394 25.64 -8.91 26.28
N ILE A 395 26.67 -8.49 25.56
CA ILE A 395 26.59 -8.28 24.11
C ILE A 395 27.87 -8.79 23.47
N GLU A 396 27.74 -9.48 22.35
CA GLU A 396 28.85 -9.79 21.47
C GLU A 396 28.69 -9.02 20.16
N ALA A 397 29.79 -8.91 19.40
CA ALA A 397 29.76 -8.14 18.17
C ALA A 397 30.86 -8.64 17.24
N LYS A 398 30.48 -9.31 16.15
CA LYS A 398 31.41 -9.85 15.17
C LYS A 398 31.43 -8.98 13.93
N VAL A 399 32.60 -8.79 13.35
CA VAL A 399 32.80 -7.89 12.22
C VAL A 399 32.90 -8.64 10.89
N ARG A 400 33.68 -9.73 10.85
CA ARG A 400 33.92 -10.49 9.63
C ARG A 400 34.49 -9.60 8.52
N GLY A 401 35.67 -9.03 8.81
CA GLY A 401 36.34 -8.18 7.85
C GLY A 401 36.51 -6.75 8.33
N SER A 409 28.72 5.46 14.23
CA SER A 409 28.27 5.20 15.58
C SER A 409 27.00 4.34 15.58
N PHE A 410 27.05 3.22 16.30
CA PHE A 410 25.92 2.32 16.42
C PHE A 410 25.42 2.37 17.85
N THR A 411 24.12 2.60 18.01
CA THR A 411 23.53 2.98 19.29
C THR A 411 22.73 1.83 19.89
N ILE A 412 22.94 1.57 21.17
CA ILE A 412 22.14 0.62 21.95
C ILE A 412 21.33 1.42 22.96
N LYS A 413 20.01 1.25 22.93
CA LYS A 413 19.14 1.99 23.83
C LYS A 413 17.91 1.15 24.14
N PRO A 414 17.29 1.35 25.29
CA PRO A 414 16.03 0.67 25.59
C PRO A 414 14.85 1.33 24.89
N VAL A 415 13.75 0.61 24.86
CA VAL A 415 12.53 1.09 24.21
C VAL A 415 11.75 1.93 25.22
N GLY A 416 11.45 3.17 24.85
CA GLY A 416 10.75 4.09 25.70
C GLY A 416 11.62 5.04 26.50
N PHE A 417 12.92 5.13 26.19
CA PHE A 417 13.84 5.97 26.95
C PHE A 417 14.85 6.59 26.01
N LYS A 418 15.39 7.74 26.42
CA LYS A 418 16.34 8.48 25.60
C LYS A 418 17.79 8.13 25.91
N ASP A 419 18.07 7.57 27.09
CA ASP A 419 19.44 7.22 27.45
C ASP A 419 19.92 6.04 26.62
N SER A 420 21.19 6.07 26.23
CA SER A 420 21.71 5.08 25.31
C SER A 420 23.21 4.89 25.53
N LEU A 421 23.71 3.74 25.06
CA LEU A 421 25.14 3.49 24.97
C LEU A 421 25.56 3.74 23.53
N ILE A 422 26.26 4.85 23.30
CA ILE A 422 26.73 5.21 21.96
C ILE A 422 28.04 4.47 21.74
N VAL A 423 27.98 3.37 20.99
CA VAL A 423 29.15 2.54 20.76
C VAL A 423 29.97 3.15 19.64
N GLN A 424 31.24 3.45 19.93
CA GLN A 424 32.16 4.00 18.95
C GLN A 424 32.97 2.85 18.36
N VAL A 425 32.93 2.71 17.05
CA VAL A 425 33.57 1.60 16.34
C VAL A 425 34.65 2.16 15.44
N THR A 426 35.87 1.65 15.57
CA THR A 426 36.99 2.00 14.70
C THR A 426 37.71 0.71 14.33
N PHE A 427 37.69 0.38 13.03
CA PHE A 427 38.32 -0.85 12.57
C PHE A 427 39.79 -0.62 12.28
N ASP A 428 40.62 -1.58 12.69
CA ASP A 428 42.05 -1.48 12.49
C ASP A 428 42.57 -2.61 11.61
N PHE B 1 14.28 -9.31 -19.21
CA PHE B 1 15.60 -8.78 -19.50
C PHE B 1 15.62 -8.06 -20.84
N ASN B 2 14.59 -8.29 -21.64
CA ASN B 2 14.55 -7.82 -23.01
C ASN B 2 13.94 -6.43 -23.17
N LEU B 3 13.39 -5.86 -22.12
CA LEU B 3 12.77 -4.55 -22.24
C LEU B 3 13.82 -3.48 -22.48
N ASP B 4 13.52 -2.57 -23.41
CA ASP B 4 14.41 -1.47 -23.70
C ASP B 4 14.34 -0.44 -22.57
N VAL B 5 15.47 0.23 -22.33
CA VAL B 5 15.55 1.25 -21.29
C VAL B 5 16.10 2.53 -21.90
N ASP B 6 16.86 2.39 -22.99
CA ASP B 6 17.58 3.53 -23.56
C ASP B 6 16.61 4.56 -24.12
N SER B 7 15.66 4.12 -24.94
CA SER B 7 14.75 5.02 -25.65
C SER B 7 13.31 4.61 -25.39
N PRO B 8 12.74 5.04 -24.28
CA PRO B 8 11.32 4.77 -24.01
C PRO B 8 10.42 5.89 -24.49
N ALA B 9 9.19 5.50 -24.84
CA ALA B 9 8.17 6.47 -25.24
C ALA B 9 7.60 7.14 -24.00
N GLU B 10 7.57 8.47 -24.01
CA GLU B 10 7.01 9.24 -22.92
C GLU B 10 5.68 9.89 -23.31
N TYR B 11 4.87 10.18 -22.31
CA TYR B 11 3.53 10.74 -22.55
C TYR B 11 3.16 11.64 -21.38
N SER B 12 3.02 12.94 -21.65
CA SER B 12 2.73 13.92 -20.62
C SER B 12 1.21 14.12 -20.51
N GLY B 13 0.81 15.16 -19.79
CA GLY B 13 -0.60 15.48 -19.62
C GLY B 13 -0.77 16.77 -18.85
N PRO B 14 -2.01 17.11 -18.51
CA PRO B 14 -2.26 18.34 -17.76
C PRO B 14 -1.62 18.28 -16.38
N GLU B 15 -1.18 19.43 -15.90
CA GLU B 15 -0.42 19.48 -14.64
C GLU B 15 -1.31 19.14 -13.46
N GLY B 16 -0.84 18.24 -12.62
CA GLY B 16 -1.60 17.82 -11.45
C GLY B 16 -2.91 17.14 -11.77
N SER B 17 -3.03 16.57 -12.97
CA SER B 17 -4.26 15.93 -13.42
C SER B 17 -4.27 14.43 -13.17
N TYR B 18 -3.25 13.89 -12.51
CA TYR B 18 -3.14 12.47 -12.24
C TYR B 18 -3.10 11.64 -13.52
N PHE B 19 -2.49 12.21 -14.57
CA PHE B 19 -2.30 11.50 -15.82
C PHE B 19 -1.46 10.25 -15.57
N GLY B 20 -2.01 9.08 -15.89
CA GLY B 20 -1.34 7.82 -15.66
C GLY B 20 -1.85 7.01 -14.50
N PHE B 21 -2.94 7.45 -13.85
CA PHE B 21 -3.54 6.64 -12.79
C PHE B 21 -4.09 5.33 -13.33
N ALA B 22 -4.56 5.33 -14.58
CA ALA B 22 -4.98 4.12 -15.27
C ALA B 22 -4.38 4.11 -16.66
N VAL B 23 -3.77 2.98 -17.03
CA VAL B 23 -3.12 2.82 -18.32
C VAL B 23 -3.59 1.53 -18.95
N ASP B 24 -3.93 1.59 -20.24
CA ASP B 24 -4.39 0.41 -20.97
C ASP B 24 -4.18 0.63 -22.45
N PHE B 25 -3.99 -0.47 -23.17
CA PHE B 25 -3.86 -0.42 -24.62
C PHE B 25 -5.23 -0.34 -25.28
N PHE B 26 -5.25 0.14 -26.52
CA PHE B 26 -6.46 0.25 -27.33
C PHE B 26 -6.17 -0.39 -28.68
N VAL B 27 -6.47 -1.68 -28.82
CA VAL B 27 -6.35 -2.37 -30.09
C VAL B 27 -7.75 -2.47 -30.70
N PRO B 28 -8.00 -1.85 -31.85
CA PRO B 28 -9.33 -1.97 -32.48
C PRO B 28 -9.37 -3.08 -33.51
N SER B 29 -10.49 -3.81 -33.57
CA SER B 29 -10.71 -4.72 -34.69
C SER B 29 -11.48 -4.02 -35.81
N ALA B 30 -11.04 -2.80 -36.13
CA ALA B 30 -11.60 -2.04 -37.24
C ALA B 30 -10.56 -1.23 -38.00
N SER B 31 -9.28 -1.33 -37.65
CA SER B 31 -8.24 -0.51 -38.26
C SER B 31 -6.91 -1.22 -38.07
N SER B 32 -5.82 -0.50 -38.35
CA SER B 32 -4.47 -1.04 -38.28
C SER B 32 -3.58 -0.17 -37.41
N ARG B 33 -4.11 0.30 -36.29
CA ARG B 33 -3.36 1.10 -35.33
C ARG B 33 -3.53 0.52 -33.94
N MET B 34 -2.69 0.97 -33.01
CA MET B 34 -2.77 0.57 -31.62
C MET B 34 -2.49 1.80 -30.76
N PHE B 35 -3.52 2.30 -30.09
CA PHE B 35 -3.43 3.51 -29.29
C PHE B 35 -3.24 3.17 -27.81
N LEU B 36 -3.15 4.20 -26.99
CA LEU B 36 -2.91 4.07 -25.56
C LEU B 36 -4.01 4.79 -24.79
N LEU B 37 -4.81 4.01 -24.05
CA LEU B 37 -5.86 4.57 -23.21
C LEU B 37 -5.29 4.85 -21.83
N VAL B 38 -5.10 6.14 -21.52
CA VAL B 38 -4.56 6.57 -20.23
C VAL B 38 -5.58 7.49 -19.58
N GLY B 39 -5.88 7.23 -18.31
CA GLY B 39 -6.87 7.98 -17.56
C GLY B 39 -6.22 9.04 -16.69
N ALA B 40 -6.90 10.19 -16.59
CA ALA B 40 -6.47 11.31 -15.76
C ALA B 40 -7.64 11.68 -14.86
N PRO B 41 -7.81 10.99 -13.72
CA PRO B 41 -9.02 11.16 -12.92
C PRO B 41 -9.14 12.50 -12.23
N LYS B 42 -8.14 13.37 -12.31
CA LYS B 42 -8.20 14.68 -11.68
C LYS B 42 -7.96 15.80 -12.67
N ALA B 43 -8.32 15.57 -13.94
CA ALA B 43 -8.19 16.59 -14.96
C ALA B 43 -9.47 17.41 -15.06
N ASN B 44 -9.38 18.53 -15.76
CA ASN B 44 -10.51 19.45 -15.93
C ASN B 44 -11.00 19.38 -17.37
N THR B 45 -12.27 19.06 -17.55
CA THR B 45 -12.88 18.93 -18.86
C THR B 45 -13.60 20.21 -19.24
N THR B 46 -14.19 20.21 -20.42
CA THR B 46 -14.96 21.35 -20.92
C THR B 46 -16.44 21.24 -20.61
N GLN B 47 -16.83 20.30 -19.76
CA GLN B 47 -18.21 20.21 -19.35
C GLN B 47 -18.61 21.47 -18.59
N PRO B 48 -19.70 22.14 -18.97
CA PRO B 48 -20.06 23.41 -18.34
C PRO B 48 -20.53 23.20 -16.90
N GLY B 49 -19.87 23.86 -15.97
CA GLY B 49 -20.26 23.81 -14.58
C GLY B 49 -19.76 22.61 -13.80
N ILE B 50 -18.80 21.87 -14.32
CA ILE B 50 -18.25 20.70 -13.66
C ILE B 50 -16.76 20.92 -13.45
N VAL B 51 -16.28 20.69 -12.23
CA VAL B 51 -14.91 20.94 -11.84
C VAL B 51 -14.23 19.60 -11.54
N GLU B 52 -13.10 19.35 -12.21
CA GLU B 52 -12.28 18.17 -11.97
C GLU B 52 -13.08 16.87 -12.17
N GLY B 53 -13.79 16.80 -13.29
CA GLY B 53 -14.50 15.58 -13.61
C GLY B 53 -13.57 14.42 -13.91
N GLY B 54 -12.51 14.67 -14.68
CA GLY B 54 -11.61 13.63 -15.14
C GLY B 54 -11.88 13.25 -16.59
N GLN B 55 -10.88 12.62 -17.21
CA GLN B 55 -11.02 12.23 -18.60
C GLN B 55 -10.07 11.07 -18.90
N VAL B 56 -10.35 10.40 -20.02
CA VAL B 56 -9.51 9.33 -20.54
C VAL B 56 -8.97 9.77 -21.88
N LEU B 57 -7.67 9.57 -22.10
CA LEU B 57 -6.97 10.09 -23.26
C LEU B 57 -6.47 8.96 -24.13
N LYS B 58 -6.53 9.16 -25.44
CA LYS B 58 -5.96 8.25 -26.42
C LYS B 58 -4.63 8.84 -26.88
N CYS B 59 -3.56 8.06 -26.76
CA CYS B 59 -2.23 8.53 -27.10
C CYS B 59 -1.68 7.73 -28.26
N ASP B 60 -1.27 8.44 -29.31
CA ASP B 60 -0.73 7.79 -30.50
C ASP B 60 0.68 7.27 -30.25
N TRP B 61 0.99 6.12 -30.86
CA TRP B 61 2.29 5.49 -30.74
C TRP B 61 3.22 5.78 -31.91
N SER B 62 2.71 5.75 -33.14
CA SER B 62 3.48 6.07 -34.34
C SER B 62 2.88 7.34 -34.95
N SER B 63 3.28 8.48 -34.43
CA SER B 63 2.74 9.79 -34.82
C SER B 63 3.66 10.85 -34.22
N THR B 64 3.19 12.09 -34.21
CA THR B 64 3.85 13.18 -33.49
C THR B 64 3.77 13.03 -31.96
N ARG B 65 3.29 11.87 -31.51
CA ARG B 65 3.20 11.50 -30.09
C ARG B 65 2.21 12.38 -29.33
N ARG B 66 1.19 12.87 -30.03
CA ARG B 66 0.15 13.67 -29.43
C ARG B 66 -0.78 12.80 -28.59
N CYS B 67 -1.56 13.44 -27.72
CA CYS B 67 -2.56 12.77 -26.91
C CYS B 67 -3.86 13.58 -26.92
N GLN B 68 -4.96 12.95 -27.33
CA GLN B 68 -6.27 13.59 -27.28
C GLN B 68 -7.29 12.63 -26.68
N PRO B 69 -8.31 13.16 -25.99
CA PRO B 69 -9.33 12.34 -25.31
C PRO B 69 -10.20 11.54 -26.27
N GLU B 71 -14.39 11.64 -25.37
CA GLU B 71 -15.70 12.27 -25.27
C GLU B 71 -16.78 11.26 -24.89
N PHE B 72 -16.67 10.70 -23.68
CA PHE B 72 -17.72 9.82 -23.18
C PHE B 72 -18.96 10.58 -22.75
N ASP B 73 -18.84 11.87 -22.49
CA ASP B 73 -19.96 12.71 -22.05
C ASP B 73 -19.52 14.15 -22.17
N ALA B 74 -20.43 15.02 -22.60
CA ALA B 74 -20.16 16.44 -22.75
C ALA B 74 -21.32 17.27 -22.23
N THR B 75 -21.88 16.87 -21.08
CA THR B 75 -23.01 17.56 -20.49
C THR B 75 -22.79 17.76 -19.00
N GLY B 76 -23.42 18.79 -18.45
CA GLY B 76 -23.34 19.07 -17.04
C GLY B 76 -24.30 18.20 -16.24
N ASN B 77 -24.59 18.65 -15.02
CA ASN B 77 -25.47 17.90 -14.14
C ASN B 77 -26.89 17.88 -14.67
N ARG B 78 -27.51 16.71 -14.63
CA ARG B 78 -28.92 16.58 -15.00
C ARG B 78 -29.81 17.09 -13.88
N ASP B 79 -31.01 17.51 -14.25
CA ASP B 79 -31.95 18.14 -13.34
C ASP B 79 -33.11 17.19 -13.05
N TYR B 80 -33.29 16.84 -11.78
CA TYR B 80 -34.48 16.14 -11.31
C TYR B 80 -35.37 17.20 -10.68
N ALA B 81 -36.39 17.62 -11.44
CA ALA B 81 -37.24 18.76 -11.10
C ALA B 81 -36.45 20.06 -11.09
N LYS B 82 -37.14 21.18 -11.25
CA LYS B 82 -36.47 22.46 -11.36
C LYS B 82 -35.81 22.85 -10.04
N ASP B 83 -34.70 23.60 -10.16
CA ASP B 83 -33.96 24.22 -9.06
C ASP B 83 -33.16 23.23 -8.23
N ASP B 84 -33.04 21.97 -8.65
CA ASP B 84 -32.21 21.02 -7.93
C ASP B 84 -31.68 19.98 -8.90
N PRO B 85 -30.40 19.64 -8.81
CA PRO B 85 -29.81 18.67 -9.73
C PRO B 85 -29.87 17.25 -9.20
N LEU B 86 -29.75 16.31 -10.13
CA LEU B 86 -29.80 14.88 -9.80
C LEU B 86 -28.43 14.35 -9.43
N GLU B 87 -27.51 14.46 -10.39
CA GLU B 87 -26.15 13.91 -10.16
C GLU B 87 -25.14 15.05 -10.00
N PHE B 88 -23.95 14.73 -9.50
CA PHE B 88 -22.87 15.69 -9.29
C PHE B 88 -21.58 15.01 -9.77
N LYS B 89 -21.25 15.22 -11.04
CA LYS B 89 -20.06 14.60 -11.63
C LYS B 89 -18.78 15.38 -11.34
N SER B 90 -18.79 16.29 -10.38
CA SER B 90 -17.60 17.05 -10.04
C SER B 90 -16.78 16.30 -9.00
N HIS B 91 -15.46 16.25 -9.23
CA HIS B 91 -14.54 15.48 -8.40
C HIS B 91 -14.96 14.01 -8.36
N GLN B 92 -15.44 13.51 -9.49
CA GLN B 92 -15.97 12.15 -9.58
C GLN B 92 -14.91 11.11 -9.89
N TRP B 93 -13.68 11.53 -10.17
CA TRP B 93 -12.56 10.63 -10.45
C TRP B 93 -12.85 9.75 -11.67
N PHE B 94 -13.15 10.42 -12.79
CA PHE B 94 -13.36 9.72 -14.06
C PHE B 94 -12.00 9.38 -14.64
N GLY B 95 -11.64 8.11 -14.55
CA GLY B 95 -10.34 7.67 -15.04
C GLY B 95 -9.59 6.81 -14.04
N ALA B 96 -10.22 6.55 -12.89
CA ALA B 96 -9.60 5.68 -11.90
C ALA B 96 -9.42 4.27 -12.44
N SER B 97 -10.33 3.84 -13.32
CA SER B 97 -10.22 2.53 -13.96
C SER B 97 -10.50 2.69 -15.45
N VAL B 98 -9.66 2.07 -16.28
CA VAL B 98 -9.80 2.11 -17.73
C VAL B 98 -9.41 0.74 -18.27
N ARG B 99 -10.36 0.04 -18.87
CA ARG B 99 -10.13 -1.26 -19.49
C ARG B 99 -10.47 -1.19 -20.97
N SER B 100 -10.03 -2.21 -21.71
CA SER B 100 -10.31 -2.25 -23.13
C SER B 100 -10.28 -3.69 -23.61
N LYS B 101 -11.16 -4.01 -24.56
CA LYS B 101 -11.16 -5.31 -25.22
C LYS B 101 -11.78 -5.12 -26.59
N GLN B 102 -10.94 -5.18 -27.63
CA GLN B 102 -11.33 -4.91 -29.02
C GLN B 102 -11.77 -3.45 -29.08
N ASP B 103 -12.93 -3.13 -29.64
CA ASP B 103 -13.39 -1.75 -29.76
C ASP B 103 -14.18 -1.29 -28.54
N LYS B 104 -14.00 -1.94 -27.39
CA LYS B 104 -14.75 -1.63 -26.18
C LYS B 104 -13.85 -0.90 -25.20
N ILE B 105 -14.35 0.23 -24.68
CA ILE B 105 -13.63 1.01 -23.68
C ILE B 105 -14.57 1.20 -22.49
N LEU B 106 -14.19 0.65 -21.34
CA LEU B 106 -14.96 0.76 -20.11
C LEU B 106 -14.21 1.68 -19.15
N ALA B 107 -14.69 2.91 -19.01
CA ALA B 107 -14.09 3.91 -18.14
C ALA B 107 -15.09 4.30 -17.06
N CYS B 108 -14.64 4.30 -15.82
CA CYS B 108 -15.55 4.44 -14.67
C CYS B 108 -15.09 5.55 -13.74
N ALA B 109 -16.07 6.17 -13.09
CA ALA B 109 -15.82 7.22 -12.09
C ALA B 109 -16.37 6.76 -10.75
N PRO B 110 -15.52 6.23 -9.86
CA PRO B 110 -16.06 5.65 -8.61
C PRO B 110 -16.66 6.68 -7.66
N LEU B 111 -16.04 7.84 -7.51
CA LEU B 111 -16.53 8.86 -6.58
C LEU B 111 -17.58 9.76 -7.23
N TYR B 112 -18.55 9.09 -7.87
CA TYR B 112 -19.65 9.82 -8.53
C TYR B 112 -20.86 9.86 -7.58
N HIS B 113 -21.45 11.03 -7.39
CA HIS B 113 -22.58 11.22 -6.49
C HIS B 113 -23.84 11.55 -7.27
N TRP B 114 -24.98 11.20 -6.69
CA TRP B 114 -26.26 11.51 -7.30
C TRP B 114 -27.32 11.67 -6.20
N ARG B 115 -28.41 12.36 -6.54
CA ARG B 115 -29.55 12.52 -5.65
C ARG B 115 -30.54 11.41 -5.95
N THR B 116 -30.68 10.46 -5.03
CA THR B 116 -31.64 9.38 -5.20
C THR B 116 -33.05 9.94 -5.24
N GLU B 117 -33.86 9.41 -6.17
CA GLU B 117 -35.27 9.85 -6.31
C GLU B 117 -36.09 9.25 -5.17
N MET B 118 -36.38 10.02 -4.13
CA MET B 118 -37.11 9.54 -2.93
C MET B 118 -36.74 10.54 -1.84
N LYS B 119 -35.42 10.68 -1.60
CA LYS B 119 -34.97 11.71 -0.69
C LYS B 119 -34.19 12.78 -1.46
N GLN B 120 -33.52 13.66 -0.73
CA GLN B 120 -32.62 14.67 -1.29
C GLN B 120 -31.29 14.51 -0.59
N GLU B 121 -30.39 13.73 -1.19
CA GLU B 121 -29.13 13.37 -0.54
C GLU B 121 -28.03 13.25 -1.58
N ARG B 122 -26.85 12.84 -1.12
CA ARG B 122 -25.69 12.60 -1.99
C ARG B 122 -25.14 11.22 -1.66
N GLU B 123 -25.00 10.36 -2.67
CA GLU B 123 -24.56 8.99 -2.47
C GLU B 123 -23.53 8.62 -3.53
N PRO B 124 -22.30 8.26 -3.15
CA PRO B 124 -21.32 7.81 -4.13
C PRO B 124 -21.65 6.46 -4.71
N VAL B 125 -22.70 6.39 -5.54
CA VAL B 125 -23.07 5.13 -6.17
C VAL B 125 -21.97 4.66 -7.12
N GLY B 126 -21.42 5.58 -7.89
CA GLY B 126 -20.43 5.23 -8.90
C GLY B 126 -21.04 5.16 -10.29
N THR B 127 -20.29 5.56 -11.30
CA THR B 127 -20.78 5.55 -12.67
C THR B 127 -19.71 4.97 -13.59
N CYS B 128 -20.16 4.45 -14.72
CA CYS B 128 -19.28 3.90 -15.74
C CYS B 128 -19.77 4.35 -17.11
N PHE B 129 -18.91 4.19 -18.10
CA PHE B 129 -19.26 4.52 -19.48
C PHE B 129 -18.66 3.46 -20.38
N LEU B 130 -19.46 3.00 -21.35
CA LEU B 130 -19.04 1.97 -22.29
C LEU B 130 -19.11 2.52 -23.72
N GLN B 131 -18.09 2.24 -24.50
CA GLN B 131 -18.01 2.71 -25.88
C GLN B 131 -17.67 1.53 -26.78
N ASP B 132 -18.55 1.23 -27.73
CA ASP B 132 -18.35 0.15 -28.70
C ASP B 132 -18.08 0.68 -30.10
N GLY B 133 -17.60 1.92 -30.21
CA GLY B 133 -17.41 2.55 -31.50
C GLY B 133 -18.13 3.88 -31.55
N THR B 134 -19.14 3.98 -32.42
CA THR B 134 -19.93 5.20 -32.51
C THR B 134 -21.02 5.29 -31.44
N LYS B 135 -21.23 4.23 -30.66
CA LYS B 135 -22.28 4.18 -29.65
C LYS B 135 -21.63 4.16 -28.27
N THR B 136 -21.78 5.24 -27.53
CA THR B 136 -21.31 5.34 -26.15
C THR B 136 -22.50 5.36 -25.21
N VAL B 137 -22.43 4.55 -24.15
CA VAL B 137 -23.52 4.38 -23.22
C VAL B 137 -23.00 4.55 -21.80
N GLU B 138 -23.91 4.84 -20.89
CA GLU B 138 -23.59 4.97 -19.46
C GLU B 138 -24.08 3.74 -18.73
N TYR B 139 -23.26 3.24 -17.80
CA TYR B 139 -23.54 2.00 -17.09
C TYR B 139 -23.38 2.26 -15.60
N ALA B 140 -24.49 2.29 -14.87
CA ALA B 140 -24.49 2.55 -13.43
C ALA B 140 -25.31 1.47 -12.73
N PRO B 141 -24.75 0.26 -12.60
CA PRO B 141 -25.51 -0.83 -11.98
C PRO B 141 -25.89 -0.57 -10.53
N CYS B 142 -25.07 0.19 -9.80
CA CYS B 142 -25.34 0.46 -8.40
C CYS B 142 -26.26 1.65 -8.18
N ARG B 143 -26.65 2.35 -9.24
CA ARG B 143 -27.56 3.48 -9.12
C ARG B 143 -29.00 3.01 -9.11
N SER B 144 -29.33 2.08 -8.22
CA SER B 144 -30.63 1.45 -8.16
C SER B 144 -31.46 2.06 -7.03
N GLN B 145 -32.62 1.46 -6.78
CA GLN B 145 -33.51 1.93 -5.73
C GLN B 145 -33.12 1.42 -4.34
N ASP B 146 -32.22 0.45 -4.26
CA ASP B 146 -31.65 0.05 -2.97
C ASP B 146 -30.67 1.14 -2.55
N ILE B 147 -31.07 1.97 -1.57
CA ILE B 147 -30.42 3.23 -1.32
C ILE B 147 -29.72 3.23 0.04
N ASP B 148 -29.04 4.34 0.35
CA ASP B 148 -28.33 4.54 1.60
C ASP B 148 -27.17 3.56 1.75
N ALA B 149 -26.51 3.59 2.91
CA ALA B 149 -25.42 2.64 3.16
C ALA B 149 -25.94 1.23 3.40
N ASP B 150 -27.21 1.08 3.77
CA ASP B 150 -27.77 -0.25 3.93
C ASP B 150 -27.92 -0.95 2.59
N GLY B 151 -28.08 -0.18 1.51
CA GLY B 151 -28.18 -0.74 0.18
C GLY B 151 -26.95 -0.46 -0.66
N GLN B 152 -27.16 0.05 -1.87
CA GLN B 152 -26.07 0.32 -2.80
C GLN B 152 -25.83 1.82 -2.97
N GLY B 153 -26.25 2.63 -2.00
CA GLY B 153 -26.03 4.06 -2.11
C GLY B 153 -24.57 4.44 -2.11
N PHE B 154 -23.82 3.95 -1.14
CA PHE B 154 -22.39 4.21 -1.05
C PHE B 154 -21.58 3.11 -1.75
N CYS B 155 -21.99 2.77 -2.98
CA CYS B 155 -21.44 1.59 -3.65
C CYS B 155 -20.04 1.84 -4.19
N GLN B 156 -19.77 3.06 -4.67
CA GLN B 156 -18.52 3.39 -5.33
C GLN B 156 -18.24 2.42 -6.50
N GLY B 157 -19.28 2.18 -7.28
CA GLY B 157 -19.16 1.27 -8.41
C GLY B 157 -18.15 1.78 -9.43
N GLY B 158 -17.47 0.83 -10.07
CA GLY B 158 -16.41 1.17 -10.99
C GLY B 158 -15.06 1.38 -10.35
N PHE B 159 -14.90 1.07 -9.06
CA PHE B 159 -13.59 1.17 -8.42
C PHE B 159 -12.60 0.24 -9.09
N SER B 160 -13.02 -0.99 -9.39
CA SER B 160 -12.19 -1.96 -10.08
C SER B 160 -13.04 -2.68 -11.10
N ILE B 161 -12.51 -2.81 -12.33
CA ILE B 161 -13.22 -3.46 -13.42
C ILE B 161 -12.24 -4.36 -14.17
N ASP B 162 -12.81 -5.32 -14.90
CA ASP B 162 -12.01 -6.18 -15.76
C ASP B 162 -12.94 -6.89 -16.74
N PHE B 163 -12.57 -6.88 -18.02
CA PHE B 163 -13.37 -7.52 -19.05
C PHE B 163 -13.26 -9.04 -18.94
N THR B 164 -14.21 -9.72 -19.59
CA THR B 164 -14.23 -11.17 -19.67
C THR B 164 -14.10 -11.58 -21.13
N LYS B 165 -13.50 -12.75 -21.35
CA LYS B 165 -13.28 -13.23 -22.71
C LYS B 165 -14.57 -13.33 -23.50
N ALA B 166 -15.70 -13.56 -22.82
CA ALA B 166 -17.00 -13.66 -23.47
C ALA B 166 -17.83 -12.39 -23.33
N ASP B 167 -17.19 -11.25 -23.07
CA ASP B 167 -17.86 -9.96 -22.96
C ASP B 167 -18.92 -9.98 -21.84
N ARG B 168 -18.43 -10.18 -20.62
CA ARG B 168 -19.23 -10.24 -19.39
C ARG B 168 -18.59 -9.38 -18.32
N VAL B 169 -18.33 -8.11 -18.65
CA VAL B 169 -17.58 -7.18 -17.81
C VAL B 169 -17.97 -7.27 -16.34
N LEU B 170 -16.97 -7.25 -15.47
CA LEU B 170 -17.15 -7.46 -14.04
C LEU B 170 -16.80 -6.19 -13.29
N LEU B 171 -17.70 -5.74 -12.42
CA LEU B 171 -17.56 -4.50 -11.69
C LEU B 171 -17.46 -4.77 -10.20
N GLY B 172 -16.52 -4.09 -9.54
CA GLY B 172 -16.38 -4.19 -8.11
C GLY B 172 -16.57 -2.87 -7.40
N GLY B 173 -17.56 -2.79 -6.52
CA GLY B 173 -17.77 -1.62 -5.70
C GLY B 173 -17.70 -1.97 -4.23
N PRO B 174 -16.66 -1.48 -3.55
CA PRO B 174 -16.36 -1.95 -2.20
C PRO B 174 -17.15 -1.26 -1.09
N GLY B 175 -18.22 -0.54 -1.39
CA GLY B 175 -18.96 0.15 -0.36
C GLY B 175 -20.42 -0.24 -0.26
N SER B 176 -20.85 -1.18 -1.08
CA SER B 176 -22.25 -1.59 -1.08
C SER B 176 -22.61 -2.35 0.19
N PHE B 177 -23.81 -2.11 0.69
CA PHE B 177 -24.36 -2.80 1.86
C PHE B 177 -23.46 -2.64 3.08
N TYR B 178 -23.35 -1.39 3.55
CA TYR B 178 -22.54 -1.05 4.72
C TYR B 178 -21.08 -1.46 4.53
N TRP B 179 -20.55 -1.21 3.34
CA TRP B 179 -19.15 -1.44 2.99
C TRP B 179 -18.75 -2.91 3.10
N GLN B 180 -19.72 -3.82 3.04
CA GLN B 180 -19.37 -5.24 2.92
C GLN B 180 -18.72 -5.53 1.58
N GLY B 181 -19.03 -4.72 0.57
CA GLY B 181 -18.51 -4.92 -0.77
C GLY B 181 -19.48 -5.67 -1.66
N GLN B 182 -19.33 -5.46 -2.97
CA GLN B 182 -20.18 -6.12 -3.95
C GLN B 182 -19.40 -6.30 -5.25
N LEU B 183 -19.82 -7.30 -6.02
CA LEU B 183 -19.30 -7.53 -7.36
C LEU B 183 -20.49 -7.68 -8.31
N ILE B 184 -20.41 -7.02 -9.47
CA ILE B 184 -21.50 -7.00 -10.43
C ILE B 184 -20.94 -7.34 -11.80
N SER B 185 -21.59 -8.29 -12.48
CA SER B 185 -21.20 -8.69 -13.84
C SER B 185 -22.42 -8.60 -14.74
N ASP B 186 -22.30 -7.85 -15.84
CA ASP B 186 -23.37 -7.73 -16.82
C ASP B 186 -22.79 -7.85 -18.22
N GLN B 187 -23.59 -8.43 -19.12
CA GLN B 187 -23.18 -8.58 -20.51
C GLN B 187 -23.07 -7.22 -21.19
N VAL B 188 -22.12 -7.13 -22.12
CA VAL B 188 -22.00 -5.91 -22.92
C VAL B 188 -23.21 -5.74 -23.82
N ALA B 189 -23.76 -6.85 -24.32
CA ALA B 189 -24.95 -6.78 -25.15
C ALA B 189 -26.13 -6.20 -24.37
N GLU B 190 -26.28 -6.61 -23.10
CA GLU B 190 -27.36 -6.08 -22.28
C GLU B 190 -27.14 -4.61 -21.95
N ILE B 191 -25.89 -4.18 -21.78
CA ILE B 191 -25.61 -2.82 -21.38
C ILE B 191 -26.01 -1.84 -22.48
N VAL B 192 -25.59 -2.12 -23.72
CA VAL B 192 -25.91 -1.21 -24.83
C VAL B 192 -27.38 -1.28 -25.18
N SER B 193 -27.97 -2.48 -25.16
CA SER B 193 -29.36 -2.65 -25.60
C SER B 193 -30.33 -1.96 -24.65
N LYS B 194 -30.16 -2.15 -23.35
CA LYS B 194 -31.06 -1.59 -22.35
C LYS B 194 -30.50 -0.29 -21.78
N TYR B 195 -30.35 0.71 -22.64
CA TYR B 195 -29.78 1.99 -22.26
C TYR B 195 -30.69 3.11 -22.72
N ASP B 196 -31.12 3.95 -21.80
CA ASP B 196 -31.90 5.14 -22.08
C ASP B 196 -31.33 6.30 -21.29
N PRO B 197 -31.48 7.53 -21.79
CA PRO B 197 -31.10 8.71 -20.99
C PRO B 197 -32.19 9.22 -20.06
N ASN B 198 -33.29 8.47 -19.90
CA ASN B 198 -34.39 8.88 -19.04
C ASN B 198 -34.68 7.92 -17.90
N VAL B 199 -34.25 6.67 -18.00
CA VAL B 199 -34.46 5.68 -16.95
C VAL B 199 -33.19 5.59 -16.13
N TYR B 200 -33.29 5.94 -14.84
CA TYR B 200 -32.10 6.01 -13.99
C TYR B 200 -31.72 4.64 -13.44
N SER B 201 -32.70 3.84 -13.04
CA SER B 201 -32.46 2.50 -12.50
C SER B 201 -32.88 1.48 -13.54
N ILE B 202 -31.93 0.67 -13.99
CA ILE B 202 -32.15 -0.34 -15.02
C ILE B 202 -31.86 -1.71 -14.41
N LYS B 203 -32.83 -2.61 -14.47
CA LYS B 203 -32.73 -3.89 -13.81
C LYS B 203 -32.04 -4.96 -14.65
N TYR B 204 -31.86 -4.73 -15.94
CA TYR B 204 -31.23 -5.68 -16.87
C TYR B 204 -31.95 -7.03 -16.77
N ASN B 205 -31.34 -8.09 -17.26
CA ASN B 205 -31.88 -9.42 -17.03
C ASN B 205 -30.86 -10.41 -16.51
N ASN B 206 -29.62 -10.36 -17.00
CA ASN B 206 -28.57 -11.27 -16.57
C ASN B 206 -27.66 -10.59 -15.55
N GLN B 207 -28.26 -10.27 -14.41
CA GLN B 207 -27.56 -9.55 -13.34
C GLN B 207 -26.96 -10.57 -12.37
N LEU B 208 -25.63 -10.72 -12.41
CA LEU B 208 -24.90 -11.52 -11.44
C LEU B 208 -24.30 -10.58 -10.41
N ALA B 209 -24.92 -10.54 -9.24
CA ALA B 209 -24.48 -9.63 -8.17
C ALA B 209 -24.50 -10.36 -6.85
N THR B 210 -23.47 -10.12 -6.03
CA THR B 210 -23.46 -10.64 -4.68
C THR B 210 -24.49 -9.90 -3.82
N ARG B 211 -25.03 -10.62 -2.85
CA ARG B 211 -26.05 -10.09 -1.96
C ARG B 211 -25.48 -9.82 -0.57
N THR B 212 -26.26 -9.12 0.24
CA THR B 212 -25.81 -8.73 1.58
C THR B 212 -25.60 -9.94 2.47
N ALA B 213 -24.65 -9.80 3.39
CA ALA B 213 -24.34 -10.82 4.38
C ALA B 213 -24.62 -10.27 5.77
N GLN B 214 -24.23 -11.04 6.79
CA GLN B 214 -24.45 -10.61 8.16
C GLN B 214 -23.53 -9.44 8.51
N ALA B 215 -23.80 -8.83 9.66
CA ALA B 215 -23.03 -7.69 10.13
C ALA B 215 -21.61 -8.08 10.56
N ILE B 216 -21.32 -9.38 10.65
CA ILE B 216 -19.95 -9.80 10.96
C ILE B 216 -19.00 -9.35 9.85
N PHE B 217 -19.41 -9.49 8.60
CA PHE B 217 -18.57 -9.10 7.46
C PHE B 217 -18.78 -7.64 7.08
N ASP B 218 -18.71 -6.75 8.07
CA ASP B 218 -18.99 -5.34 7.87
C ASP B 218 -17.69 -4.57 7.64
N ASP B 219 -17.72 -3.64 6.70
CA ASP B 219 -16.56 -2.84 6.32
C ASP B 219 -15.40 -3.75 5.90
N SER B 220 -15.68 -4.58 4.89
CA SER B 220 -14.70 -5.51 4.36
C SER B 220 -14.08 -5.06 3.06
N TYR B 221 -14.76 -4.20 2.28
CA TYR B 221 -14.26 -3.66 1.03
C TYR B 221 -14.02 -4.75 -0.01
N LEU B 222 -15.10 -5.45 -0.37
CA LEU B 222 -15.05 -6.44 -1.44
C LEU B 222 -15.26 -5.74 -2.78
N GLY B 223 -14.35 -5.96 -3.72
CA GLY B 223 -14.32 -5.22 -4.96
C GLY B 223 -13.20 -4.22 -5.07
N TYR B 224 -12.21 -4.28 -4.18
CA TYR B 224 -11.05 -3.41 -4.28
C TYR B 224 -10.30 -3.66 -5.58
N SER B 225 -10.10 -4.93 -5.93
CA SER B 225 -9.45 -5.31 -7.18
C SER B 225 -10.20 -6.50 -7.76
N VAL B 226 -10.07 -6.69 -9.07
CA VAL B 226 -10.75 -7.76 -9.78
C VAL B 226 -9.82 -8.36 -10.83
N ALA B 227 -10.15 -9.59 -11.22
CA ALA B 227 -9.41 -10.30 -12.26
C ALA B 227 -10.31 -11.39 -12.82
N VAL B 228 -9.94 -11.89 -14.00
CA VAL B 228 -10.69 -12.91 -14.70
C VAL B 228 -9.79 -14.10 -14.96
N GLY B 229 -10.28 -15.29 -14.67
CA GLY B 229 -9.51 -16.50 -14.89
C GLY B 229 -10.36 -17.71 -14.59
N ASP B 230 -9.98 -18.82 -15.22
CA ASP B 230 -10.70 -20.08 -15.07
C ASP B 230 -10.22 -20.82 -13.84
N PHE B 231 -11.15 -21.20 -12.96
CA PHE B 231 -10.80 -21.92 -11.75
C PHE B 231 -11.75 -23.07 -11.42
N ASN B 232 -12.81 -23.27 -12.19
CA ASN B 232 -13.71 -24.39 -11.96
C ASN B 232 -13.51 -25.54 -12.93
N GLY B 233 -12.95 -25.28 -14.12
CA GLY B 233 -12.68 -26.31 -15.11
C GLY B 233 -13.40 -26.11 -16.43
N ASP B 234 -14.50 -25.37 -16.44
CA ASP B 234 -15.24 -25.12 -17.68
C ASP B 234 -14.55 -24.00 -18.46
N GLY B 235 -15.21 -23.51 -19.50
CA GLY B 235 -14.63 -22.45 -20.31
C GLY B 235 -14.90 -21.04 -19.83
N ILE B 236 -15.82 -20.87 -18.87
CA ILE B 236 -16.23 -19.54 -18.43
C ILE B 236 -15.23 -19.00 -17.43
N ASP B 237 -14.78 -17.76 -17.64
CA ASP B 237 -13.89 -17.11 -16.70
C ASP B 237 -14.60 -16.82 -15.38
N ASP B 238 -13.83 -16.80 -14.31
CA ASP B 238 -14.35 -16.59 -12.97
C ASP B 238 -13.80 -15.30 -12.39
N PHE B 239 -14.55 -14.74 -11.45
CA PHE B 239 -14.22 -13.44 -10.87
C PHE B 239 -13.39 -13.61 -9.61
N VAL B 240 -12.21 -12.99 -9.60
CA VAL B 240 -11.32 -12.99 -8.44
C VAL B 240 -11.29 -11.57 -7.89
N SER B 241 -11.63 -11.43 -6.61
CA SER B 241 -11.72 -10.12 -5.98
C SER B 241 -10.93 -10.09 -4.67
N GLY B 242 -10.44 -8.91 -4.32
CA GLY B 242 -9.67 -8.72 -3.10
C GLY B 242 -10.51 -8.05 -2.02
N VAL B 243 -10.40 -8.58 -0.80
CA VAL B 243 -11.11 -8.06 0.35
C VAL B 243 -10.09 -7.69 1.42
N PRO B 244 -9.55 -6.47 1.40
CA PRO B 244 -8.40 -6.17 2.26
C PRO B 244 -8.75 -6.06 3.74
N ARG B 245 -9.96 -5.65 4.08
CA ARG B 245 -10.40 -5.51 5.47
C ARG B 245 -11.34 -6.64 5.89
N ALA B 246 -11.03 -7.87 5.49
CA ALA B 246 -11.99 -8.97 5.55
C ALA B 246 -12.19 -9.43 6.99
N ALA B 247 -12.93 -8.60 7.73
CA ALA B 247 -13.54 -8.94 9.02
C ALA B 247 -12.54 -9.07 10.16
N ARG B 248 -11.25 -9.10 9.83
CA ARG B 248 -10.22 -8.98 10.86
C ARG B 248 -9.02 -8.17 10.35
N THR B 249 -9.16 -7.48 9.22
CA THR B 249 -8.13 -6.68 8.56
C THR B 249 -6.94 -7.53 8.14
N LEU B 250 -7.02 -8.85 8.37
CA LEU B 250 -6.01 -9.76 7.82
C LEU B 250 -6.01 -9.72 6.30
N GLY B 251 -7.20 -9.75 5.70
CA GLY B 251 -7.30 -9.74 4.25
C GLY B 251 -7.63 -11.09 3.67
N MET B 252 -8.72 -11.17 2.92
CA MET B 252 -9.10 -12.37 2.20
C MET B 252 -9.32 -12.04 0.74
N VAL B 253 -9.23 -13.07 -0.10
CA VAL B 253 -9.46 -12.96 -1.54
C VAL B 253 -10.49 -14.01 -1.94
N TYR B 254 -11.56 -13.57 -2.58
CA TYR B 254 -12.65 -14.45 -2.97
C TYR B 254 -12.60 -14.71 -4.47
N ILE B 255 -12.84 -15.97 -4.85
CA ILE B 255 -13.03 -16.35 -6.25
C ILE B 255 -14.44 -16.88 -6.40
N TYR B 256 -15.27 -16.18 -7.17
CA TYR B 256 -16.63 -16.59 -7.43
C TYR B 256 -16.69 -17.36 -8.74
N ASP B 257 -17.91 -17.63 -9.21
CA ASP B 257 -18.13 -18.31 -10.48
C ASP B 257 -18.66 -17.31 -11.51
N GLY B 258 -18.34 -17.57 -12.77
CA GLY B 258 -18.77 -16.70 -13.84
C GLY B 258 -20.15 -16.99 -14.40
N LYS B 259 -20.86 -17.97 -13.85
CA LYS B 259 -22.17 -18.37 -14.35
C LYS B 259 -23.26 -18.11 -13.32
N ASN B 260 -23.15 -18.67 -12.12
CA ASN B 260 -24.09 -18.43 -11.05
C ASN B 260 -23.49 -17.71 -9.85
N MET B 261 -22.18 -17.48 -9.86
CA MET B 261 -21.49 -16.69 -8.83
C MET B 261 -21.66 -17.31 -7.45
N SER B 262 -21.14 -18.52 -7.32
CA SER B 262 -21.02 -19.19 -6.03
C SER B 262 -19.56 -19.17 -5.58
N SER B 263 -19.39 -19.28 -4.27
CA SER B 263 -18.05 -19.20 -3.67
C SER B 263 -17.24 -20.44 -4.05
N LEU B 264 -16.19 -20.24 -4.85
CA LEU B 264 -15.34 -21.33 -5.31
C LEU B 264 -14.14 -21.53 -4.39
N TYR B 265 -13.30 -20.51 -4.25
CA TYR B 265 -12.10 -20.62 -3.44
C TYR B 265 -11.92 -19.34 -2.62
N ASN B 266 -11.24 -19.48 -1.49
CA ASN B 266 -10.95 -18.37 -0.60
C ASN B 266 -9.50 -18.45 -0.15
N PHE B 267 -8.83 -17.30 -0.11
CA PHE B 267 -7.52 -17.18 0.50
C PHE B 267 -7.64 -16.27 1.72
N THR B 268 -6.69 -16.42 2.64
CA THR B 268 -6.62 -15.59 3.84
C THR B 268 -5.20 -15.09 4.03
N GLY B 269 -5.07 -13.93 4.69
CA GLY B 269 -3.79 -13.31 4.89
C GLY B 269 -3.06 -13.85 6.10
N GLU B 270 -1.89 -13.26 6.35
CA GLU B 270 -1.04 -13.66 7.48
C GLU B 270 -0.86 -12.55 8.50
N GLN B 271 -0.65 -11.32 8.06
CA GLN B 271 -0.43 -10.19 8.95
C GLN B 271 -1.59 -9.21 8.85
N MET B 272 -2.04 -8.73 10.00
CA MET B 272 -3.13 -7.76 10.02
C MET B 272 -2.66 -6.40 9.53
N ALA B 273 -3.56 -5.71 8.82
CA ALA B 273 -3.28 -4.42 8.19
C ALA B 273 -2.14 -4.52 7.18
N ALA B 274 -2.03 -5.67 6.51
CA ALA B 274 -1.07 -5.85 5.43
C ALA B 274 -1.68 -5.69 4.04
N TYR B 275 -3.01 -5.57 3.96
CA TYR B 275 -3.72 -5.42 2.69
C TYR B 275 -3.46 -6.60 1.76
N PHE B 276 -3.84 -7.78 2.23
CA PHE B 276 -3.87 -8.97 1.40
C PHE B 276 -5.09 -8.87 0.48
N GLY B 277 -4.88 -8.37 -0.72
CA GLY B 277 -5.98 -8.17 -1.65
C GLY B 277 -6.04 -6.77 -2.21
N PHE B 278 -4.94 -6.02 -2.07
CA PHE B 278 -4.89 -4.68 -2.65
C PHE B 278 -4.94 -4.74 -4.16
N SER B 279 -4.27 -5.73 -4.76
CA SER B 279 -4.28 -5.90 -6.20
C SER B 279 -4.16 -7.39 -6.52
N VAL B 280 -4.88 -7.82 -7.55
CA VAL B 280 -4.89 -9.22 -7.96
C VAL B 280 -4.60 -9.30 -9.45
N ALA B 281 -4.08 -10.44 -9.88
CA ALA B 281 -3.78 -10.69 -11.28
C ALA B 281 -3.80 -12.19 -11.51
N ALA B 282 -4.52 -12.62 -12.54
CA ALA B 282 -4.64 -14.03 -12.90
C ALA B 282 -4.01 -14.24 -14.27
N THR B 283 -3.05 -15.16 -14.32
CA THR B 283 -2.39 -15.53 -15.57
C THR B 283 -1.76 -16.90 -15.38
N ASP B 284 -1.08 -17.38 -16.41
CA ASP B 284 -0.32 -18.62 -16.35
C ASP B 284 1.16 -18.28 -16.32
N ILE B 285 1.85 -18.73 -15.27
CA ILE B 285 3.27 -18.46 -15.11
C ILE B 285 4.14 -19.67 -15.40
N ASN B 286 3.56 -20.87 -15.49
CA ASN B 286 4.33 -22.08 -15.79
C ASN B 286 3.78 -22.84 -17.00
N GLY B 287 2.80 -22.29 -17.70
CA GLY B 287 2.34 -22.87 -18.95
C GLY B 287 1.69 -24.24 -18.83
N ASP B 288 0.83 -24.42 -17.82
CA ASP B 288 0.05 -25.65 -17.69
C ASP B 288 -1.38 -25.48 -18.16
N ASP B 289 -1.69 -24.37 -18.83
CA ASP B 289 -3.01 -24.04 -19.37
C ASP B 289 -4.04 -23.75 -18.29
N TYR B 290 -3.65 -23.72 -17.02
CA TYR B 290 -4.53 -23.32 -15.95
C TYR B 290 -4.38 -21.82 -15.69
N ALA B 291 -4.91 -21.34 -14.57
CA ALA B 291 -4.81 -19.93 -14.21
C ALA B 291 -4.22 -19.83 -12.81
N ASP B 292 -3.11 -19.11 -12.68
CA ASP B 292 -2.51 -18.84 -11.39
C ASP B 292 -3.06 -17.53 -10.82
N VAL B 293 -2.83 -17.32 -9.53
CA VAL B 293 -3.29 -16.11 -8.88
C VAL B 293 -2.10 -15.40 -8.24
N PHE B 294 -2.19 -14.08 -8.19
CA PHE B 294 -1.10 -13.24 -7.68
C PHE B 294 -1.73 -12.14 -6.82
N ILE B 295 -1.67 -12.31 -5.51
CA ILE B 295 -2.27 -11.38 -4.55
C ILE B 295 -1.17 -10.52 -3.96
N GLY B 296 -1.33 -9.20 -4.06
CA GLY B 296 -0.35 -8.27 -3.52
C GLY B 296 -0.71 -7.83 -2.11
N ALA B 297 0.32 -7.72 -1.27
CA ALA B 297 0.20 -7.23 0.10
C ALA B 297 1.27 -6.17 0.30
N PRO B 298 1.07 -4.96 -0.22
CA PRO B 298 2.14 -3.95 -0.17
C PRO B 298 2.54 -3.53 1.24
N LEU B 299 1.69 -3.76 2.24
CA LEU B 299 1.97 -3.34 3.61
C LEU B 299 2.41 -4.49 4.51
N PHE B 300 2.78 -5.63 3.92
CA PHE B 300 3.29 -6.73 4.73
C PHE B 300 4.60 -6.34 5.39
N MET B 301 4.75 -6.70 6.66
CA MET B 301 5.91 -6.34 7.46
C MET B 301 6.73 -7.60 7.70
N ASP B 302 7.76 -7.79 6.87
CA ASP B 302 8.64 -8.94 7.01
C ASP B 302 9.49 -8.81 8.26
N ARG B 303 9.71 -9.94 8.94
CA ARG B 303 10.62 -9.97 10.07
C ARG B 303 12.05 -9.90 9.57
N GLY B 304 12.77 -8.87 9.97
CA GLY B 304 14.13 -8.66 9.52
C GLY B 304 15.07 -9.72 10.05
N SER B 305 16.37 -9.47 9.84
CA SER B 305 17.40 -10.44 10.20
C SER B 305 17.44 -10.71 11.70
N ASP B 306 17.82 -9.70 12.49
CA ASP B 306 17.99 -9.92 13.93
C ASP B 306 16.67 -10.20 14.63
N GLY B 307 15.84 -9.18 14.81
CA GLY B 307 14.53 -9.35 15.41
C GLY B 307 13.46 -8.40 14.90
N LYS B 308 13.84 -7.52 13.96
CA LYS B 308 13.02 -6.37 13.61
C LYS B 308 11.98 -6.73 12.56
N LEU B 309 10.85 -6.04 12.60
CA LEU B 309 9.83 -6.12 11.56
C LEU B 309 9.95 -4.89 10.67
N GLN B 310 10.14 -5.12 9.38
CA GLN B 310 10.26 -4.05 8.40
C GLN B 310 9.24 -4.26 7.29
N GLU B 311 8.51 -3.20 6.93
CA GLU B 311 7.49 -3.28 5.91
C GLU B 311 8.14 -3.22 4.53
N VAL B 312 7.99 -4.29 3.75
CA VAL B 312 8.65 -4.38 2.46
C VAL B 312 7.65 -4.74 1.37
N GLY B 313 6.49 -5.27 1.77
CA GLY B 313 5.53 -5.77 0.82
C GLY B 313 5.70 -7.26 0.54
N GLN B 314 4.67 -7.84 -0.06
CA GLN B 314 4.67 -9.27 -0.29
C GLN B 314 3.63 -9.63 -1.35
N VAL B 315 4.03 -10.44 -2.31
CA VAL B 315 3.13 -10.99 -3.33
C VAL B 315 3.08 -12.49 -3.15
N SER B 316 1.87 -13.05 -3.08
CA SER B 316 1.69 -14.48 -2.92
C SER B 316 1.44 -15.11 -4.29
N VAL B 317 2.20 -16.15 -4.60
CA VAL B 317 2.12 -16.84 -5.89
C VAL B 317 1.45 -18.17 -5.64
N SER B 318 0.27 -18.37 -6.23
CA SER B 318 -0.50 -19.59 -6.08
C SER B 318 -0.67 -20.23 -7.45
N LEU B 319 -0.35 -21.51 -7.54
CA LEU B 319 -0.39 -22.26 -8.80
C LEU B 319 -1.57 -23.21 -8.78
N GLN B 320 -2.43 -23.11 -9.79
CA GLN B 320 -3.60 -23.96 -9.86
C GLN B 320 -3.23 -25.38 -10.24
N ARG B 321 -3.91 -26.35 -9.62
CA ARG B 321 -3.76 -27.76 -9.92
C ARG B 321 -5.06 -28.31 -10.47
N ALA B 322 -4.97 -29.50 -11.06
CA ALA B 322 -6.14 -30.12 -11.69
C ALA B 322 -7.23 -30.39 -10.67
N SER B 323 -6.85 -30.89 -9.48
CA SER B 323 -7.84 -31.19 -8.44
C SER B 323 -8.41 -29.95 -7.80
N GLY B 324 -7.86 -28.77 -8.07
CA GLY B 324 -8.35 -27.52 -7.52
C GLY B 324 -7.51 -26.94 -6.41
N ASP B 325 -6.62 -27.74 -5.82
CA ASP B 325 -5.75 -27.23 -4.77
C ASP B 325 -4.70 -26.29 -5.36
N PHE B 326 -4.12 -25.46 -4.51
CA PHE B 326 -3.17 -24.44 -4.92
C PHE B 326 -1.83 -24.65 -4.23
N GLN B 327 -0.76 -24.37 -4.97
CA GLN B 327 0.61 -24.41 -4.43
C GLN B 327 1.06 -22.96 -4.25
N THR B 328 1.25 -22.57 -3.00
CA THR B 328 1.51 -21.17 -2.65
C THR B 328 2.97 -20.94 -2.31
N THR B 329 3.53 -19.86 -2.84
CA THR B 329 4.89 -19.44 -2.55
C THR B 329 4.94 -17.92 -2.52
N LYS B 330 5.57 -17.37 -1.49
CA LYS B 330 5.62 -15.93 -1.28
C LYS B 330 7.00 -15.40 -1.60
N LEU B 331 7.05 -14.23 -2.23
CA LEU B 331 8.30 -13.52 -2.50
C LEU B 331 8.20 -12.13 -1.90
N ASN B 332 9.13 -11.81 -1.01
CA ASN B 332 9.05 -10.62 -0.19
C ASN B 332 9.69 -9.43 -0.88
N GLY B 333 9.32 -8.23 -0.42
CA GLY B 333 9.84 -7.02 -1.02
C GLY B 333 11.30 -6.78 -0.67
N PHE B 334 11.93 -5.88 -1.44
CA PHE B 334 13.33 -5.58 -1.28
C PHE B 334 13.56 -4.35 -0.39
N GLU B 335 12.99 -3.22 -0.75
CA GLU B 335 13.20 -1.97 -0.02
C GLU B 335 12.16 -1.81 1.08
N VAL B 336 12.41 -0.85 1.96
CA VAL B 336 11.51 -0.55 3.07
C VAL B 336 10.57 0.57 2.66
N PHE B 337 9.29 0.42 3.00
CA PHE B 337 8.25 1.38 2.67
C PHE B 337 8.17 1.60 1.15
N ALA B 338 8.39 0.53 0.40
CA ALA B 338 8.38 0.60 -1.06
C ALA B 338 7.05 0.19 -1.66
N ARG B 339 6.13 -0.36 -0.87
CA ARG B 339 4.83 -0.82 -1.35
C ARG B 339 4.98 -1.84 -2.48
N PHE B 340 5.93 -2.75 -2.31
CA PHE B 340 6.08 -3.85 -3.26
C PHE B 340 4.84 -4.74 -3.23
N GLY B 341 4.30 -5.03 -4.41
CA GLY B 341 3.05 -5.76 -4.49
C GLY B 341 1.86 -4.85 -4.61
N SER B 342 2.02 -3.78 -5.40
CA SER B 342 0.98 -2.76 -5.56
C SER B 342 0.26 -2.87 -6.89
N ALA B 343 0.98 -3.11 -7.99
CA ALA B 343 0.38 -3.23 -9.31
C ALA B 343 1.02 -4.43 -10.01
N ILE B 344 0.37 -5.59 -9.92
CA ILE B 344 0.85 -6.81 -10.54
C ILE B 344 0.23 -6.90 -11.94
N ALA B 345 1.05 -6.64 -12.96
CA ALA B 345 0.58 -6.60 -14.34
C ALA B 345 1.17 -7.77 -15.13
N PRO B 346 0.36 -8.69 -15.63
CA PRO B 346 0.88 -9.76 -16.48
C PRO B 346 1.44 -9.20 -17.78
N LEU B 347 2.46 -9.88 -18.31
CA LEU B 347 3.15 -9.43 -19.51
C LEU B 347 3.06 -10.39 -20.68
N GLY B 348 2.57 -11.62 -20.47
CA GLY B 348 2.62 -12.57 -21.55
C GLY B 348 4.05 -13.05 -21.79
N ASP B 349 4.32 -13.44 -23.03
CA ASP B 349 5.63 -13.98 -23.40
C ASP B 349 6.53 -12.80 -23.75
N LEU B 350 7.16 -12.22 -22.73
CA LEU B 350 8.00 -11.05 -22.94
C LEU B 350 9.18 -11.34 -23.85
N ASP B 351 9.85 -12.49 -23.63
CA ASP B 351 10.99 -12.89 -24.46
C ASP B 351 10.66 -14.10 -25.33
N GLN B 352 9.40 -14.53 -25.36
CA GLN B 352 8.97 -15.67 -26.17
C GLN B 352 9.80 -16.91 -25.86
N ASP B 353 10.03 -17.16 -24.58
CA ASP B 353 10.70 -18.38 -24.15
C ASP B 353 9.75 -19.56 -24.03
N GLY B 354 8.45 -19.35 -24.25
CA GLY B 354 7.45 -20.38 -24.09
C GLY B 354 6.64 -20.30 -22.82
N PHE B 355 7.03 -19.43 -21.88
CA PHE B 355 6.34 -19.28 -20.61
C PHE B 355 6.09 -17.79 -20.35
N ASN B 356 4.90 -17.48 -19.86
CA ASN B 356 4.52 -16.09 -19.64
C ASN B 356 5.28 -15.50 -18.46
N ASP B 357 5.37 -14.17 -18.45
CA ASP B 357 6.14 -13.43 -17.47
C ASP B 357 5.28 -12.34 -16.83
N ILE B 358 5.68 -11.92 -15.64
CA ILE B 358 4.88 -11.00 -14.82
C ILE B 358 5.72 -9.82 -14.40
N ALA B 359 5.05 -8.72 -14.09
CA ALA B 359 5.68 -7.49 -13.62
C ALA B 359 5.08 -7.08 -12.29
N ILE B 360 5.93 -6.86 -11.29
CA ILE B 360 5.52 -6.38 -9.97
C ILE B 360 6.27 -5.08 -9.70
N ALA B 361 5.53 -4.03 -9.33
CA ALA B 361 6.09 -2.70 -9.21
C ALA B 361 6.01 -2.19 -7.77
N ALA B 362 7.04 -1.47 -7.36
CA ALA B 362 7.06 -0.77 -6.07
C ALA B 362 7.02 0.73 -6.33
N PRO B 363 5.88 1.39 -6.15
CA PRO B 363 5.76 2.79 -6.59
C PRO B 363 6.57 3.78 -5.79
N TYR B 364 7.01 3.43 -4.58
CA TYR B 364 7.72 4.38 -3.70
C TYR B 364 9.00 3.76 -3.16
N GLY B 365 9.80 3.17 -4.04
CA GLY B 365 11.04 2.55 -3.63
C GLY B 365 12.12 2.76 -4.66
N GLY B 366 13.36 2.84 -4.17
CA GLY B 366 14.51 3.04 -5.04
C GLY B 366 15.35 4.25 -4.67
N GLU B 367 15.79 4.98 -5.68
CA GLU B 367 16.58 6.20 -5.48
C GLU B 367 15.63 7.38 -5.42
N ASP B 368 15.68 8.12 -4.31
CA ASP B 368 14.78 9.25 -4.06
C ASP B 368 13.31 8.85 -4.10
N LYS B 369 13.03 7.55 -3.89
CA LYS B 369 11.67 7.02 -3.89
C LYS B 369 10.92 7.41 -5.16
N LYS B 370 11.57 7.21 -6.30
CA LYS B 370 10.99 7.56 -7.59
C LYS B 370 10.19 6.41 -8.21
N GLY B 371 10.15 5.25 -7.57
CA GLY B 371 9.39 4.13 -8.09
C GLY B 371 10.21 3.20 -8.95
N ILE B 372 10.07 1.88 -8.75
CA ILE B 372 10.81 0.88 -9.50
C ILE B 372 9.87 -0.26 -9.86
N VAL B 373 10.00 -0.75 -11.09
CA VAL B 373 9.21 -1.87 -11.60
C VAL B 373 10.12 -3.08 -11.74
N TYR B 374 9.73 -4.20 -11.13
CA TYR B 374 10.47 -5.44 -11.20
C TYR B 374 9.84 -6.38 -12.21
N ILE B 375 10.68 -7.14 -12.90
CA ILE B 375 10.26 -8.04 -13.97
C ILE B 375 10.66 -9.46 -13.60
N PHE B 376 9.71 -10.39 -13.69
CA PHE B 376 9.93 -11.78 -13.35
C PHE B 376 9.52 -12.65 -14.52
N ASN B 377 10.32 -13.68 -14.78
CA ASN B 377 10.07 -14.62 -15.87
C ASN B 377 9.81 -16.00 -15.29
N GLY B 378 8.73 -16.62 -15.73
CA GLY B 378 8.29 -17.88 -15.17
C GLY B 378 8.88 -19.10 -15.86
N ARG B 379 9.09 -20.15 -15.08
CA ARG B 379 9.60 -21.43 -15.56
C ARG B 379 8.53 -22.49 -15.34
N SER B 380 8.78 -23.71 -15.83
CA SER B 380 7.84 -24.79 -15.59
C SER B 380 8.07 -25.42 -14.23
N THR B 381 8.25 -24.57 -13.21
CA THR B 381 8.25 -24.97 -11.81
C THR B 381 7.53 -23.97 -10.94
N GLY B 382 7.02 -22.89 -11.52
CA GLY B 382 6.56 -21.73 -10.78
C GLY B 382 7.08 -20.48 -11.47
N LEU B 383 7.79 -19.63 -10.73
CA LEU B 383 8.42 -18.47 -11.31
C LEU B 383 9.74 -18.22 -10.59
N ASN B 384 10.64 -17.52 -11.28
CA ASN B 384 11.94 -17.23 -10.69
C ASN B 384 11.79 -16.23 -9.55
N ALA B 385 12.37 -16.56 -8.40
CA ALA B 385 12.32 -15.65 -7.26
C ALA B 385 13.10 -14.38 -7.54
N VAL B 386 14.27 -14.50 -8.15
CA VAL B 386 15.10 -13.32 -8.41
C VAL B 386 14.52 -12.55 -9.58
N PRO B 387 14.57 -11.20 -9.56
CA PRO B 387 14.09 -10.39 -10.69
C PRO B 387 14.95 -10.54 -11.94
N SER B 388 14.35 -10.32 -13.11
CA SER B 388 15.06 -10.41 -14.38
C SER B 388 15.42 -9.05 -14.96
N GLN B 389 14.83 -7.97 -14.45
CA GLN B 389 15.13 -6.62 -14.92
C GLN B 389 14.62 -5.62 -13.89
N ILE B 390 15.30 -4.48 -13.81
CA ILE B 390 14.92 -3.40 -12.90
C ILE B 390 14.65 -2.17 -13.74
N LEU B 391 13.46 -1.59 -13.57
CA LEU B 391 13.06 -0.36 -14.24
C LEU B 391 12.97 0.75 -13.20
N GLU B 392 13.41 1.94 -13.57
CA GLU B 392 13.51 3.05 -12.62
C GLU B 392 12.87 4.29 -13.19
N GLY B 393 12.30 5.09 -12.29
CA GLY B 393 11.79 6.39 -12.68
C GLY B 393 12.91 7.37 -12.98
N GLN B 394 12.57 8.41 -13.73
CA GLN B 394 13.55 9.40 -14.15
C GLN B 394 13.17 10.84 -13.81
N TRP B 395 11.98 11.07 -13.26
CA TRP B 395 11.52 12.41 -12.92
C TRP B 395 11.42 12.55 -11.41
N ALA B 396 12.08 13.56 -10.87
CA ALA B 396 12.05 13.80 -9.43
C ALA B 396 10.67 14.26 -8.99
N ALA B 397 10.33 13.93 -7.75
CA ALA B 397 9.02 14.27 -7.21
C ALA B 397 8.79 15.77 -7.21
N ARG B 398 7.59 16.18 -7.61
CA ARG B 398 7.17 17.57 -7.57
C ARG B 398 5.93 17.64 -6.67
N SER B 399 6.09 18.23 -5.48
CA SER B 399 5.04 18.30 -4.47
C SER B 399 4.60 16.92 -4.03
N MET B 400 3.99 16.16 -4.91
CA MET B 400 3.49 14.81 -4.71
C MET B 400 4.57 13.79 -5.04
N PRO B 401 4.56 12.62 -4.38
CA PRO B 401 5.48 11.56 -4.77
C PRO B 401 5.26 11.18 -6.22
N PRO B 402 6.32 10.80 -6.94
CA PRO B 402 6.16 10.49 -8.37
C PRO B 402 5.23 9.32 -8.61
N SER B 403 5.24 8.32 -7.73
CA SER B 403 4.38 7.15 -7.82
C SER B 403 4.49 6.48 -9.19
N PHE B 404 5.70 6.04 -9.51
CA PHE B 404 5.98 5.37 -10.77
C PHE B 404 5.83 3.86 -10.57
N GLY B 405 4.93 3.26 -11.35
CA GLY B 405 4.62 1.85 -11.22
C GLY B 405 3.33 1.54 -10.51
N TYR B 406 2.65 2.54 -9.96
CA TYR B 406 1.37 2.29 -9.31
C TYR B 406 0.32 1.79 -10.29
N SER B 407 0.44 2.18 -11.57
CA SER B 407 -0.46 1.74 -12.62
C SER B 407 0.35 1.15 -13.76
N MET B 408 -0.06 -0.03 -14.22
CA MET B 408 0.68 -0.73 -15.26
C MET B 408 -0.28 -1.59 -16.07
N LYS B 409 0.18 -1.98 -17.26
CA LYS B 409 -0.61 -2.80 -18.17
C LYS B 409 0.32 -3.41 -19.21
N GLY B 410 0.22 -4.71 -19.41
CA GLY B 410 1.09 -5.39 -20.34
C GLY B 410 0.39 -6.39 -21.24
N ALA B 411 1.15 -7.31 -21.82
CA ALA B 411 0.64 -8.37 -22.69
C ALA B 411 -0.11 -7.79 -23.90
N THR B 412 0.60 -6.99 -24.68
CA THR B 412 0.07 -6.42 -25.90
C THR B 412 1.22 -5.91 -26.75
N ASP B 413 1.28 -6.37 -28.01
CA ASP B 413 2.33 -5.95 -28.94
C ASP B 413 1.82 -4.72 -29.69
N ILE B 414 2.54 -3.61 -29.57
CA ILE B 414 2.14 -2.39 -30.26
C ILE B 414 3.02 -2.19 -31.49
N ASP B 415 4.23 -2.74 -31.47
CA ASP B 415 5.11 -2.67 -32.63
C ASP B 415 4.79 -3.71 -33.68
N LYS B 416 4.00 -4.73 -33.33
CA LYS B 416 3.80 -5.91 -34.17
C LYS B 416 5.13 -6.55 -34.54
N ASN B 417 6.07 -6.50 -33.60
CA ASN B 417 7.42 -7.02 -33.80
C ASN B 417 7.59 -8.43 -33.23
N GLY B 418 6.52 -9.04 -32.75
CA GLY B 418 6.57 -10.39 -32.22
C GLY B 418 6.70 -10.49 -30.72
N TYR B 419 6.98 -9.38 -30.03
CA TYR B 419 7.11 -9.37 -28.59
C TYR B 419 6.18 -8.32 -28.00
N PRO B 420 5.49 -8.63 -26.90
CA PRO B 420 4.56 -7.66 -26.31
C PRO B 420 5.27 -6.46 -25.69
N ASP B 421 4.52 -5.52 -25.13
CA ASP B 421 5.09 -4.29 -24.60
C ASP B 421 4.46 -3.96 -23.26
N LEU B 422 5.01 -2.95 -22.60
CA LEU B 422 4.59 -2.56 -21.26
C LEU B 422 4.36 -1.06 -21.22
N ILE B 423 3.32 -0.65 -20.50
CA ILE B 423 3.02 0.76 -20.27
C ILE B 423 2.97 1.00 -18.76
N VAL B 424 3.66 2.05 -18.33
CA VAL B 424 3.78 2.37 -16.91
C VAL B 424 3.29 3.81 -16.72
N GLY B 425 2.41 4.00 -15.73
CA GLY B 425 1.84 5.30 -15.43
C GLY B 425 2.42 5.87 -14.15
N ALA B 426 2.87 7.11 -14.23
CA ALA B 426 3.40 7.85 -13.09
C ALA B 426 2.56 9.12 -12.93
N PHE B 427 1.47 9.01 -12.16
CA PHE B 427 0.52 10.11 -12.06
C PHE B 427 1.02 11.23 -11.17
N GLY B 428 1.90 10.94 -10.21
CA GLY B 428 2.45 11.99 -9.37
C GLY B 428 3.22 13.02 -10.18
N VAL B 429 4.02 12.55 -11.12
CA VAL B 429 4.65 13.42 -12.11
C VAL B 429 3.85 13.43 -13.41
N ASP B 430 2.56 13.06 -13.35
CA ASP B 430 1.59 12.97 -14.45
C ASP B 430 2.23 12.59 -15.78
N ARG B 431 2.98 11.50 -15.79
CA ARG B 431 3.67 11.00 -16.96
C ARG B 431 3.25 9.56 -17.23
N ALA B 432 3.21 9.19 -18.50
CA ALA B 432 3.00 7.81 -18.92
C ALA B 432 4.15 7.39 -19.82
N ILE B 433 4.64 6.17 -19.63
CA ILE B 433 5.81 5.69 -20.34
C ILE B 433 5.50 4.35 -21.00
N LEU B 434 6.20 4.07 -22.08
CA LEU B 434 6.04 2.84 -22.85
C LEU B 434 7.41 2.22 -23.10
N TYR B 435 7.53 0.93 -22.80
CA TYR B 435 8.77 0.19 -23.01
C TYR B 435 8.52 -0.91 -24.03
N ARG B 436 9.38 -0.98 -25.04
CA ARG B 436 9.26 -1.95 -26.12
C ARG B 436 10.18 -3.13 -25.85
N ALA B 437 9.64 -4.34 -25.92
CA ALA B 437 10.44 -5.54 -25.72
C ALA B 437 11.34 -5.76 -26.92
N ARG B 438 12.65 -5.63 -26.71
CA ARG B 438 13.61 -5.83 -27.78
C ARG B 438 13.64 -7.30 -28.19
N PRO B 439 13.86 -7.60 -29.47
CA PRO B 439 13.88 -8.98 -29.92
C PRO B 439 15.02 -9.75 -29.29
N VAL B 440 14.82 -11.06 -29.11
CA VAL B 440 15.73 -11.93 -28.39
C VAL B 440 16.35 -12.90 -29.38
N ILE B 441 17.68 -13.04 -29.34
CA ILE B 441 18.41 -13.97 -30.17
C ILE B 441 19.14 -14.97 -29.29
N THR B 442 19.25 -16.20 -29.76
CA THR B 442 19.98 -17.26 -29.07
C THR B 442 21.09 -17.76 -29.97
N VAL B 443 22.28 -17.90 -29.41
CA VAL B 443 23.47 -18.27 -30.16
C VAL B 443 24.05 -19.55 -29.58
N ASN B 444 24.35 -20.51 -30.46
CA ASN B 444 25.04 -21.74 -30.09
C ASN B 444 26.44 -21.68 -30.66
N ALA B 445 27.45 -21.82 -29.80
CA ALA B 445 28.84 -21.61 -30.18
C ALA B 445 29.50 -22.93 -30.57
N GLY B 446 30.73 -22.82 -31.07
CA GLY B 446 31.45 -23.98 -31.57
C GLY B 446 32.80 -24.20 -30.90
N LEU B 447 33.87 -24.14 -31.70
CA LEU B 447 35.23 -24.41 -31.23
C LEU B 447 35.34 -25.83 -30.67
N GLU B 448 35.21 -26.80 -31.57
CA GLU B 448 35.37 -28.19 -31.21
C GLU B 448 36.81 -28.64 -31.43
N CYS B 472 50.93 -29.65 -35.71
CA CYS B 472 50.38 -28.30 -35.73
C CYS B 472 49.11 -28.22 -34.88
N PHE B 473 48.61 -27.00 -34.71
CA PHE B 473 47.39 -26.74 -33.95
C PHE B 473 46.26 -26.43 -34.93
N ASN B 474 45.21 -27.25 -34.90
CA ASN B 474 44.04 -27.07 -35.75
C ASN B 474 42.87 -26.63 -34.90
N VAL B 475 42.32 -25.44 -35.20
CA VAL B 475 41.19 -24.90 -34.46
C VAL B 475 40.11 -24.48 -35.44
N ARG B 476 38.86 -24.71 -35.06
CA ARG B 476 37.72 -24.44 -35.93
C ARG B 476 36.58 -23.92 -35.06
N PHE B 477 36.22 -22.65 -35.24
CA PHE B 477 35.24 -21.97 -34.40
C PHE B 477 33.93 -21.81 -35.16
N CYS B 478 32.85 -22.39 -34.63
CA CYS B 478 31.55 -22.37 -35.27
C CYS B 478 30.55 -21.56 -34.47
N LEU B 479 29.47 -21.15 -35.14
CA LEU B 479 28.43 -20.35 -34.52
C LEU B 479 27.20 -20.31 -35.42
N LYS B 480 26.03 -20.26 -34.78
CA LYS B 480 24.76 -20.06 -35.46
C LYS B 480 23.81 -19.34 -34.52
N ALA B 481 22.77 -18.73 -35.08
CA ALA B 481 21.82 -17.98 -34.27
C ALA B 481 20.43 -18.08 -34.86
N ASP B 482 19.44 -17.81 -34.01
CA ASP B 482 18.04 -17.77 -34.42
C ASP B 482 17.26 -16.94 -33.41
N GLY B 483 16.04 -16.56 -33.81
CA GLY B 483 15.18 -15.76 -32.95
C GLY B 483 13.76 -15.82 -33.43
N LYS B 484 12.90 -15.05 -32.76
CA LYS B 484 11.49 -15.00 -33.06
C LYS B 484 11.06 -13.57 -33.41
N GLY B 485 9.97 -13.47 -34.14
CA GLY B 485 9.43 -12.17 -34.48
C GLY B 485 10.27 -11.45 -35.54
N VAL B 486 10.02 -10.15 -35.65
CA VAL B 486 10.77 -9.33 -36.58
C VAL B 486 12.24 -9.34 -36.19
N LEU B 487 13.12 -9.63 -37.16
CA LEU B 487 14.54 -9.73 -36.92
C LEU B 487 15.25 -9.63 -38.26
N PRO B 488 16.38 -8.92 -38.34
CA PRO B 488 17.09 -8.83 -39.62
C PRO B 488 17.56 -10.20 -40.10
N ARG B 489 17.66 -10.34 -41.43
CA ARG B 489 17.98 -11.63 -42.03
C ARG B 489 19.35 -12.13 -41.60
N LYS B 490 20.35 -11.24 -41.56
CA LYS B 490 21.72 -11.61 -41.23
C LYS B 490 22.23 -10.78 -40.06
N LEU B 491 22.99 -11.41 -39.19
CA LEU B 491 23.57 -10.76 -38.02
C LEU B 491 25.08 -10.77 -38.13
N ASN B 492 25.68 -9.59 -37.99
CA ASN B 492 27.14 -9.45 -38.06
C ASN B 492 27.71 -9.63 -36.66
N PHE B 493 28.41 -10.73 -36.44
CA PHE B 493 29.10 -10.95 -35.19
C PHE B 493 30.55 -10.49 -35.31
N GLN B 494 31.29 -10.58 -34.21
CA GLN B 494 32.71 -10.24 -34.19
C GLN B 494 33.41 -11.23 -33.28
N VAL B 495 34.25 -12.08 -33.86
CA VAL B 495 34.90 -13.17 -33.13
C VAL B 495 36.40 -13.07 -33.32
N GLU B 496 37.13 -13.16 -32.20
CA GLU B 496 38.59 -13.18 -32.22
C GLU B 496 39.07 -14.27 -31.28
N LEU B 497 40.07 -15.03 -31.72
CA LEU B 497 40.58 -16.17 -30.98
C LEU B 497 41.92 -15.80 -30.35
N LEU B 498 42.07 -16.11 -29.07
CA LEU B 498 43.32 -15.84 -28.35
C LEU B 498 44.08 -17.13 -28.06
N THR B 526 29.50 -12.70 -40.59
CA THR B 526 28.11 -12.74 -41.04
C THR B 526 27.54 -14.15 -40.96
N ILE B 527 26.57 -14.34 -40.06
CA ILE B 527 25.90 -15.62 -39.90
C ILE B 527 24.42 -15.43 -40.14
N SER B 528 23.81 -16.40 -40.81
CA SER B 528 22.41 -16.31 -41.20
C SER B 528 21.50 -16.74 -40.05
N ARG B 529 20.39 -16.03 -39.90
CA ARG B 529 19.40 -16.35 -38.87
C ARG B 529 18.56 -17.50 -39.37
N GLY B 530 18.87 -18.71 -38.90
CA GLY B 530 18.15 -19.91 -39.28
C GLY B 530 18.94 -20.87 -40.15
N GLY B 531 20.12 -20.47 -40.61
CA GLY B 531 20.95 -21.34 -41.41
C GLY B 531 21.67 -22.37 -40.56
N LEU B 532 22.43 -23.22 -41.25
CA LEU B 532 23.18 -24.28 -40.57
C LEU B 532 24.41 -23.68 -39.89
N MET B 533 25.20 -24.56 -39.27
CA MET B 533 26.42 -24.14 -38.59
C MET B 533 27.43 -23.65 -39.60
N GLN B 534 27.64 -22.33 -39.63
CA GLN B 534 28.65 -21.71 -40.49
C GLN B 534 29.90 -21.45 -39.66
N CYS B 535 31.06 -21.75 -40.25
CA CYS B 535 32.31 -21.52 -39.53
C CYS B 535 33.50 -21.57 -40.48
N GLU B 536 34.69 -21.47 -39.90
CA GLU B 536 35.97 -21.45 -40.59
C GLU B 536 36.97 -22.26 -39.78
N GLU B 537 38.03 -22.69 -40.44
CA GLU B 537 39.12 -23.40 -39.78
C GLU B 537 40.42 -22.68 -40.08
N LEU B 538 41.18 -22.35 -39.03
CA LEU B 538 42.49 -21.74 -39.16
C LEU B 538 43.51 -22.59 -38.41
N ILE B 539 44.74 -22.57 -38.90
CA ILE B 539 45.80 -23.39 -38.33
C ILE B 539 46.67 -22.57 -37.37
N ILE B 555 46.53 -25.91 -21.62
CA ILE B 555 46.46 -24.64 -22.32
C ILE B 555 45.02 -24.25 -22.58
N THR B 556 44.74 -22.95 -22.54
CA THR B 556 43.40 -22.41 -22.76
C THR B 556 43.42 -21.50 -23.97
N ILE B 557 42.47 -21.71 -24.88
CA ILE B 557 42.28 -20.86 -26.05
C ILE B 557 40.93 -20.17 -25.89
N PHE B 558 40.93 -18.84 -26.06
CA PHE B 558 39.79 -17.99 -25.72
C PHE B 558 39.23 -17.35 -26.98
N MET B 559 37.90 -17.39 -27.11
CA MET B 559 37.20 -16.66 -28.17
C MET B 559 35.92 -16.07 -27.60
N GLU B 560 35.47 -14.98 -28.20
CA GLU B 560 34.23 -14.35 -27.80
C GLU B 560 33.51 -13.85 -29.05
N TYR B 561 32.19 -13.75 -28.96
CA TYR B 561 31.36 -13.23 -30.04
C TYR B 561 30.61 -12.02 -29.52
N ARG B 562 30.94 -10.84 -30.01
CA ARG B 562 30.29 -9.60 -29.65
C ARG B 562 29.41 -9.16 -30.82
N LEU B 563 28.11 -9.29 -30.66
CA LEU B 563 27.18 -8.99 -31.75
C LEU B 563 27.18 -7.50 -32.06
N ASP B 564 27.09 -7.17 -33.35
CA ASP B 564 27.00 -5.80 -33.82
C ASP B 564 25.53 -5.38 -33.78
N TYR B 565 25.14 -4.74 -32.67
CA TYR B 565 23.75 -4.35 -32.51
C TYR B 565 23.35 -3.24 -33.46
N ARG B 566 24.26 -2.30 -33.76
CA ARG B 566 23.89 -1.11 -34.51
C ARG B 566 23.41 -1.45 -35.91
N THR B 567 24.11 -2.35 -36.61
CA THR B 567 23.68 -2.75 -37.93
C THR B 567 22.49 -3.69 -37.89
N ALA B 568 22.38 -4.51 -36.84
CA ALA B 568 21.26 -5.43 -36.66
C ALA B 568 20.01 -4.73 -36.14
N ALA B 569 19.97 -3.40 -36.21
CA ALA B 569 18.83 -2.63 -35.74
C ALA B 569 17.75 -2.58 -36.82
N ASP B 570 16.67 -1.85 -36.54
CA ASP B 570 15.63 -1.58 -37.52
C ASP B 570 15.40 -0.08 -37.62
N THR B 571 14.30 0.33 -38.27
CA THR B 571 14.07 1.74 -38.56
C THR B 571 14.11 2.60 -37.30
N THR B 572 13.33 2.22 -36.28
CA THR B 572 13.40 2.92 -35.00
C THR B 572 14.65 2.51 -34.21
N GLY B 573 15.05 1.25 -34.31
CA GLY B 573 16.34 0.79 -33.83
C GLY B 573 16.27 -0.47 -32.99
N LEU B 574 15.32 -0.54 -32.05
CA LEU B 574 14.87 -1.79 -31.43
C LEU B 574 15.97 -2.84 -31.31
N GLN B 575 17.11 -2.47 -30.74
CA GLN B 575 18.31 -3.29 -30.84
C GLN B 575 18.06 -4.67 -30.25
N PRO B 576 18.37 -5.75 -30.97
CA PRO B 576 18.12 -7.09 -30.44
C PRO B 576 19.00 -7.38 -29.24
N ILE B 577 18.55 -8.33 -28.42
CA ILE B 577 19.26 -8.72 -27.22
C ILE B 577 19.51 -10.23 -27.27
N LEU B 578 20.63 -10.64 -26.70
CA LEU B 578 20.96 -12.05 -26.63
C LEU B 578 20.25 -12.71 -25.44
N ASN B 579 20.29 -14.03 -25.39
CA ASN B 579 19.60 -14.77 -24.35
C ASN B 579 20.24 -14.49 -22.99
N GLN B 580 19.63 -15.04 -21.95
CA GLN B 580 20.04 -14.77 -20.58
C GLN B 580 21.07 -15.77 -20.06
N PHE B 581 20.84 -17.07 -20.27
CA PHE B 581 21.73 -18.10 -19.77
C PHE B 581 22.87 -18.43 -20.71
N THR B 582 22.89 -17.86 -21.92
CA THR B 582 23.94 -18.19 -22.88
C THR B 582 25.24 -17.50 -22.48
N PRO B 583 26.36 -18.23 -22.44
CA PRO B 583 27.65 -17.57 -22.23
C PRO B 583 28.23 -17.03 -23.52
N ALA B 584 29.42 -16.43 -23.45
CA ALA B 584 30.12 -15.94 -24.63
C ALA B 584 31.59 -16.30 -24.67
N ASN B 585 32.15 -16.83 -23.58
CA ASN B 585 33.58 -17.13 -23.50
C ASN B 585 33.77 -18.64 -23.42
N ILE B 586 34.59 -19.18 -24.30
CA ILE B 586 34.87 -20.62 -24.31
C ILE B 586 36.35 -20.86 -24.61
#